data_1MP0
#
_entry.id   1MP0
#
_cell.length_a   79.033
_cell.length_b   79.033
_cell.length_c   311.755
_cell.angle_alpha   90.00
_cell.angle_beta   90.00
_cell.angle_gamma   90.00
#
_symmetry.space_group_name_H-M   'P 43 21 2'
#
loop_
_entity.id
_entity.type
_entity.pdbx_description
1 polymer 'alcohol dehydrogenase class III chi chain'
2 non-polymer 'ZINC ION'
3 non-polymer 'POTASSIUM ION'
4 non-polymer 'PHOSPHATE ION'
5 non-polymer NICOTINAMIDE-ADENINE-DINUCLEOTIDE
6 water water
#
_entity_poly.entity_id   1
_entity_poly.type   'polypeptide(L)'
_entity_poly.pdbx_seq_one_letter_code
;ANEVIKCKAAVAWEAGKPLSIEEIEVAPPKAHEVRIKIIATAVCHTDAYTLSGADPEGCFPVILGHEGAGIVESVGEGVT
KLKAGDTVIPLYIPQCGECKFCLNPKTNLCQKIRVTQGKGLMPDGTSRFTCKGKTILHYMGTSTFSEYTVVADISVAKID
PLAPLDKVCLLGCGISTGYGAAVNTAKLEPGSVCAVFGLGGVGLAVIMGCKVAGASRIIGVDINKDKFARAKEFGATECI
NPQDFSKPIQEVLIEMTDGGVDYSFECIGNVKVMRAALEACHKGWGVSVVVGVAASGEEIATRPFQLVTGRTWKGTAFGG
WKSVESVPKLVSEYMSKKIKVDEFVTHNLSFDEINKAFELMHSGKSIRTVVKI
;
_entity_poly.pdbx_strand_id   A,B
#
loop_
_chem_comp.id
_chem_comp.type
_chem_comp.name
_chem_comp.formula
K non-polymer 'POTASSIUM ION' 'K 1'
NAD non-polymer NICOTINAMIDE-ADENINE-DINUCLEOTIDE 'C21 H27 N7 O14 P2'
PO4 non-polymer 'PHOSPHATE ION' 'O4 P -3'
ZN non-polymer 'ZINC ION' 'Zn 2'
#
# COMPACT_ATOMS: atom_id res chain seq x y z
N ALA A 1 26.27 -45.85 -2.77
CA ALA A 1 26.49 -44.39 -2.64
C ALA A 1 25.91 -43.65 -3.84
N ASN A 2 25.91 -42.33 -3.77
CA ASN A 2 25.41 -41.51 -4.85
C ASN A 2 26.59 -41.17 -5.76
N GLU A 3 26.53 -41.67 -6.99
CA GLU A 3 27.59 -41.43 -7.95
C GLU A 3 27.20 -40.27 -8.86
N VAL A 4 28.20 -39.76 -9.59
CA VAL A 4 27.96 -38.67 -10.52
C VAL A 4 27.00 -39.16 -11.58
N ILE A 5 26.05 -38.32 -11.97
CA ILE A 5 25.11 -38.70 -12.99
C ILE A 5 25.42 -37.99 -14.29
N LYS A 6 25.41 -38.75 -15.38
CA LYS A 6 25.64 -38.16 -16.69
C LYS A 6 24.26 -38.16 -17.34
N CYS A 7 23.79 -36.98 -17.71
CA CYS A 7 22.48 -36.87 -18.34
C CYS A 7 22.45 -35.72 -19.32
N LYS A 8 21.25 -35.45 -19.83
CA LYS A 8 21.02 -34.37 -20.78
C LYS A 8 20.50 -33.15 -20.02
N ALA A 9 20.80 -31.96 -20.55
CA ALA A 9 20.35 -30.71 -19.96
C ALA A 9 20.36 -29.63 -21.02
N ALA A 10 19.47 -28.65 -20.89
CA ALA A 10 19.44 -27.55 -21.86
C ALA A 10 20.29 -26.45 -21.25
N VAL A 11 21.49 -26.28 -21.79
CA VAL A 11 22.43 -25.29 -21.30
C VAL A 11 22.42 -23.97 -22.05
N ALA A 12 22.44 -22.88 -21.30
CA ALA A 12 22.48 -21.55 -21.90
C ALA A 12 23.94 -21.13 -21.76
N TRP A 13 24.72 -21.36 -22.81
CA TRP A 13 26.13 -21.01 -22.80
C TRP A 13 26.35 -19.51 -22.70
N GLU A 14 25.44 -18.74 -23.29
CA GLU A 14 25.58 -17.29 -23.25
C GLU A 14 24.25 -16.59 -23.53
N ALA A 15 24.15 -15.33 -23.17
CA ALA A 15 22.92 -14.57 -23.37
C ALA A 15 22.62 -14.39 -24.84
N GLY A 16 21.34 -14.13 -25.12
CA GLY A 16 20.91 -13.91 -26.48
C GLY A 16 21.05 -15.07 -27.43
N LYS A 17 21.30 -16.27 -26.93
CA LYS A 17 21.44 -17.44 -27.79
C LYS A 17 20.47 -18.56 -27.39
N PRO A 18 20.09 -19.42 -28.35
CA PRO A 18 19.17 -20.53 -28.07
C PRO A 18 19.81 -21.48 -27.05
N LEU A 19 19.00 -22.24 -26.31
CA LEU A 19 19.53 -23.19 -25.35
C LEU A 19 20.17 -24.32 -26.12
N SER A 20 21.22 -24.92 -25.54
CA SER A 20 21.94 -26.03 -26.17
C SER A 20 21.73 -27.35 -25.42
N ILE A 21 21.24 -28.36 -26.12
CA ILE A 21 21.02 -29.68 -25.56
C ILE A 21 22.41 -30.32 -25.38
N GLU A 22 22.89 -30.40 -24.15
CA GLU A 22 24.22 -30.96 -23.88
C GLU A 22 24.21 -32.16 -22.96
N GLU A 23 25.32 -32.88 -22.93
CA GLU A 23 25.41 -34.00 -22.03
C GLU A 23 26.23 -33.39 -20.91
N ILE A 24 25.69 -33.43 -19.69
CA ILE A 24 26.36 -32.86 -18.54
C ILE A 24 26.59 -33.86 -17.43
N GLU A 25 27.29 -33.42 -16.39
CA GLU A 25 27.58 -34.27 -15.24
C GLU A 25 26.91 -33.60 -14.03
N VAL A 26 26.19 -34.38 -13.25
CA VAL A 26 25.52 -33.87 -12.07
C VAL A 26 26.05 -34.59 -10.84
N ALA A 27 26.79 -33.85 -10.02
CA ALA A 27 27.39 -34.38 -8.81
C ALA A 27 26.34 -34.88 -7.82
N PRO A 28 26.73 -35.81 -6.93
CA PRO A 28 25.77 -36.34 -5.94
C PRO A 28 25.44 -35.23 -4.94
N PRO A 29 24.32 -35.37 -4.22
CA PRO A 29 23.94 -34.35 -3.24
C PRO A 29 24.90 -34.30 -2.06
N LYS A 30 25.27 -33.10 -1.65
CA LYS A 30 26.15 -32.93 -0.49
C LYS A 30 25.19 -32.82 0.70
N ALA A 31 25.73 -32.52 1.88
CA ALA A 31 24.93 -32.37 3.09
C ALA A 31 23.74 -31.44 2.85
N HIS A 32 22.55 -31.87 3.28
CA HIS A 32 21.33 -31.08 3.13
C HIS A 32 21.02 -30.64 1.70
N GLU A 33 21.21 -31.55 0.77
CA GLU A 33 20.90 -31.29 -0.63
C GLU A 33 20.07 -32.46 -1.14
N VAL A 34 19.31 -32.23 -2.20
CA VAL A 34 18.45 -33.25 -2.77
C VAL A 34 18.62 -33.29 -4.28
N ARG A 35 18.85 -34.48 -4.83
CA ARG A 35 18.99 -34.58 -6.28
C ARG A 35 17.65 -35.09 -6.79
N ILE A 36 17.08 -34.37 -7.74
CA ILE A 36 15.76 -34.70 -8.26
C ILE A 36 15.75 -35.07 -9.74
N LYS A 37 14.97 -36.09 -10.07
CA LYS A 37 14.82 -36.49 -11.46
C LYS A 37 13.65 -35.65 -11.95
N ILE A 38 13.92 -34.73 -12.88
CA ILE A 38 12.86 -33.88 -13.40
C ILE A 38 12.05 -34.64 -14.44
N ILE A 39 10.75 -34.72 -14.22
CA ILE A 39 9.83 -35.42 -15.12
C ILE A 39 9.25 -34.44 -16.12
N ALA A 40 8.95 -33.23 -15.67
CA ALA A 40 8.38 -32.22 -16.55
C ALA A 40 8.77 -30.83 -16.09
N THR A 41 8.95 -29.93 -17.06
CA THR A 41 9.30 -28.57 -16.74
C THR A 41 8.59 -27.65 -17.71
N ALA A 42 8.13 -26.51 -17.19
CA ALA A 42 7.46 -25.55 -18.02
C ALA A 42 8.46 -24.44 -18.28
N VAL A 43 8.08 -23.56 -19.19
CA VAL A 43 8.92 -22.45 -19.57
C VAL A 43 8.04 -21.21 -19.54
N CYS A 44 8.60 -20.09 -19.08
CA CYS A 44 7.84 -18.85 -19.04
C CYS A 44 8.78 -17.67 -19.34
N HIS A 45 8.21 -16.48 -19.42
CA HIS A 45 9.01 -15.30 -19.72
C HIS A 45 10.14 -15.02 -18.75
N THR A 46 10.07 -15.60 -17.55
CA THR A 46 11.13 -15.38 -16.57
C THR A 46 12.42 -15.98 -17.11
N ASP A 47 12.33 -17.21 -17.62
CA ASP A 47 13.49 -17.88 -18.19
C ASP A 47 13.99 -17.12 -19.40
N ALA A 48 13.06 -16.65 -20.23
CA ALA A 48 13.38 -15.91 -21.45
C ALA A 48 14.08 -14.59 -21.16
N TYR A 49 13.67 -13.92 -20.08
CA TYR A 49 14.28 -12.65 -19.72
C TYR A 49 15.75 -12.86 -19.36
N THR A 50 16.01 -13.86 -18.52
CA THR A 50 17.38 -14.15 -18.13
C THR A 50 18.16 -14.57 -19.36
N LEU A 51 17.52 -15.37 -20.21
CA LEU A 51 18.14 -15.86 -21.44
C LEU A 51 18.52 -14.72 -22.37
N SER A 52 17.68 -13.69 -22.41
CA SER A 52 17.95 -12.53 -23.27
C SER A 52 19.19 -11.79 -22.78
N GLY A 53 19.57 -12.05 -21.54
CA GLY A 53 20.74 -11.41 -20.97
C GLY A 53 20.45 -10.00 -20.49
N ALA A 54 19.17 -9.61 -20.48
CA ALA A 54 18.79 -8.28 -20.03
C ALA A 54 18.86 -8.19 -18.52
N ASP A 55 19.04 -9.33 -17.87
CA ASP A 55 19.11 -9.37 -16.41
C ASP A 55 20.54 -9.06 -15.94
N PRO A 56 20.75 -7.87 -15.36
CA PRO A 56 22.06 -7.43 -14.87
C PRO A 56 22.78 -8.45 -13.98
N GLU A 57 22.03 -9.21 -13.20
CA GLU A 57 22.61 -10.21 -12.31
C GLU A 57 22.56 -11.62 -12.89
N GLY A 58 22.21 -11.73 -14.17
CA GLY A 58 22.13 -13.02 -14.82
C GLY A 58 23.48 -13.42 -15.39
N CYS A 59 23.98 -14.57 -14.97
CA CYS A 59 25.29 -15.03 -15.46
C CYS A 59 25.20 -16.32 -16.26
N PHE A 60 26.22 -16.56 -17.07
CA PHE A 60 26.31 -17.74 -17.93
C PHE A 60 27.68 -18.38 -17.73
N PRO A 61 27.83 -19.67 -18.06
CA PRO A 61 26.79 -20.60 -18.55
C PRO A 61 25.85 -20.97 -17.42
N VAL A 62 24.59 -21.24 -17.76
CA VAL A 62 23.62 -21.60 -16.74
C VAL A 62 22.51 -22.52 -17.26
N ILE A 63 21.94 -23.31 -16.35
CA ILE A 63 20.86 -24.21 -16.68
C ILE A 63 19.61 -23.57 -16.10
N LEU A 64 18.78 -23.01 -16.97
CA LEU A 64 17.56 -22.33 -16.56
C LEU A 64 16.46 -23.30 -16.15
N GLY A 65 15.24 -22.80 -16.00
CA GLY A 65 14.12 -23.63 -15.61
C GLY A 65 13.75 -23.48 -14.14
N HIS A 66 12.53 -23.07 -13.87
CA HIS A 66 12.08 -22.88 -12.49
C HIS A 66 10.67 -23.42 -12.24
N GLU A 67 10.12 -24.09 -13.24
CA GLU A 67 8.78 -24.66 -13.12
C GLU A 67 8.88 -26.16 -13.36
N GLY A 68 9.26 -26.90 -12.33
CA GLY A 68 9.41 -28.32 -12.47
C GLY A 68 8.67 -29.19 -11.47
N ALA A 69 8.62 -30.47 -11.80
CA ALA A 69 7.98 -31.49 -10.97
C ALA A 69 8.75 -32.77 -11.29
N GLY A 70 9.06 -33.53 -10.25
CA GLY A 70 9.81 -34.75 -10.48
C GLY A 70 9.79 -35.70 -9.30
N ILE A 71 10.84 -36.52 -9.23
CA ILE A 71 10.98 -37.53 -8.19
C ILE A 71 12.37 -37.46 -7.56
N VAL A 72 12.42 -37.59 -6.24
CA VAL A 72 13.69 -37.57 -5.53
C VAL A 72 14.52 -38.79 -5.95
N GLU A 73 15.70 -38.54 -6.50
CA GLU A 73 16.61 -39.59 -6.94
C GLU A 73 17.52 -40.04 -5.79
N SER A 74 17.91 -39.09 -4.94
CA SER A 74 18.76 -39.39 -3.78
C SER A 74 18.91 -38.14 -2.93
N VAL A 75 19.21 -38.32 -1.64
CA VAL A 75 19.40 -37.19 -0.73
C VAL A 75 20.79 -37.22 -0.11
N GLY A 76 21.28 -36.05 0.26
CA GLY A 76 22.59 -35.97 0.87
C GLY A 76 22.54 -36.18 2.37
N GLU A 77 23.68 -36.01 3.03
CA GLU A 77 23.78 -36.16 4.47
C GLU A 77 22.79 -35.32 5.27
N GLY A 78 22.28 -35.89 6.34
CA GLY A 78 21.39 -35.15 7.22
C GLY A 78 19.97 -34.94 6.76
N VAL A 79 19.64 -35.42 5.57
CA VAL A 79 18.29 -35.28 5.05
C VAL A 79 17.42 -36.45 5.52
N THR A 80 16.38 -36.15 6.29
CA THR A 80 15.51 -37.18 6.83
C THR A 80 14.02 -37.04 6.43
N LYS A 81 13.63 -35.84 6.04
CA LYS A 81 12.25 -35.56 5.63
C LYS A 81 11.94 -36.05 4.22
N LEU A 82 12.99 -36.18 3.40
CA LEU A 82 12.84 -36.61 2.01
C LEU A 82 13.63 -37.89 1.77
N LYS A 83 13.17 -38.68 0.80
CA LYS A 83 13.85 -39.91 0.45
C LYS A 83 13.63 -40.25 -1.01
N ALA A 84 14.48 -41.11 -1.55
CA ALA A 84 14.37 -41.53 -2.94
C ALA A 84 12.96 -42.04 -3.22
N GLY A 85 12.37 -41.56 -4.31
CA GLY A 85 11.02 -42.00 -4.66
C GLY A 85 9.93 -41.00 -4.33
N ASP A 86 10.21 -40.05 -3.43
CA ASP A 86 9.23 -39.03 -3.05
C ASP A 86 8.90 -38.15 -4.27
N THR A 87 7.62 -37.81 -4.41
CA THR A 87 7.16 -36.97 -5.51
C THR A 87 7.35 -35.54 -5.02
N VAL A 88 7.99 -34.70 -5.83
CA VAL A 88 8.26 -33.34 -5.38
C VAL A 88 8.22 -32.24 -6.45
N ILE A 89 8.25 -30.99 -5.97
CA ILE A 89 8.28 -29.82 -6.83
C ILE A 89 9.37 -28.91 -6.27
N PRO A 90 10.38 -28.55 -7.09
CA PRO A 90 11.47 -27.68 -6.64
C PRO A 90 10.93 -26.27 -6.46
N LEU A 91 11.42 -25.55 -5.47
CA LEU A 91 10.93 -24.19 -5.22
C LEU A 91 12.03 -23.14 -5.23
N TYR A 92 11.79 -22.04 -5.95
CA TYR A 92 12.76 -20.97 -6.03
C TYR A 92 12.66 -20.11 -4.77
N ILE A 93 11.51 -20.18 -4.11
CA ILE A 93 11.29 -19.48 -2.85
C ILE A 93 11.33 -20.61 -1.84
N PRO A 94 12.41 -20.73 -1.06
CA PRO A 94 12.51 -21.81 -0.08
C PRO A 94 11.76 -21.51 1.22
N GLN A 95 11.83 -22.44 2.17
CA GLN A 95 11.22 -22.26 3.46
C GLN A 95 12.04 -23.04 4.49
N CYS A 96 13.06 -22.40 5.07
CA CYS A 96 13.91 -23.06 6.06
C CYS A 96 13.12 -23.26 7.36
N GLY A 97 12.10 -22.43 7.56
CA GLY A 97 11.27 -22.53 8.74
C GLY A 97 11.94 -22.06 10.03
N GLU A 98 13.12 -21.45 9.92
CA GLU A 98 13.81 -20.99 11.11
C GLU A 98 14.21 -19.52 11.12
N CYS A 99 14.40 -18.92 9.94
CA CYS A 99 14.80 -17.52 9.88
C CYS A 99 13.66 -16.60 10.33
N LYS A 100 13.96 -15.32 10.51
CA LYS A 100 12.94 -14.39 10.96
C LYS A 100 11.80 -14.23 9.96
N PHE A 101 12.08 -14.43 8.68
CA PHE A 101 11.03 -14.33 7.68
C PHE A 101 10.10 -15.52 7.77
N CYS A 102 10.67 -16.72 7.85
CA CYS A 102 9.83 -17.92 7.94
C CYS A 102 9.03 -17.94 9.22
N LEU A 103 9.57 -17.33 10.28
CA LEU A 103 8.85 -17.31 11.54
C LEU A 103 7.77 -16.23 11.57
N ASN A 104 7.81 -15.31 10.63
CA ASN A 104 6.80 -14.26 10.60
C ASN A 104 5.68 -14.66 9.63
N PRO A 105 4.44 -14.75 10.14
CA PRO A 105 3.27 -15.14 9.33
C PRO A 105 2.91 -14.19 8.19
N LYS A 106 3.46 -12.99 8.21
CA LYS A 106 3.11 -12.02 7.17
C LYS A 106 3.96 -12.06 5.90
N THR A 107 4.90 -13.00 5.83
CA THR A 107 5.76 -13.09 4.66
C THR A 107 6.18 -14.53 4.37
N ASN A 108 6.66 -14.78 3.16
CA ASN A 108 7.11 -16.09 2.74
C ASN A 108 8.51 -16.00 2.14
N LEU A 109 9.14 -14.83 2.33
CA LEU A 109 10.46 -14.56 1.78
C LEU A 109 11.65 -15.08 2.59
N CYS A 110 11.79 -16.39 2.66
CA CYS A 110 12.90 -17.02 3.38
C CYS A 110 14.21 -16.47 2.81
N GLN A 111 15.12 -16.06 3.67
CA GLN A 111 16.39 -15.50 3.21
C GLN A 111 17.60 -16.41 3.48
N LYS A 112 17.33 -17.59 4.02
CA LYS A 112 18.38 -18.56 4.35
C LYS A 112 19.48 -18.77 3.32
N ILE A 113 19.10 -18.96 2.06
CA ILE A 113 20.08 -19.20 1.01
C ILE A 113 20.06 -18.23 -0.17
N ARG A 114 19.39 -17.10 0.01
CA ARG A 114 19.26 -16.09 -1.04
C ARG A 114 20.58 -15.71 -1.70
N VAL A 115 21.60 -15.41 -0.90
CA VAL A 115 22.87 -14.99 -1.46
C VAL A 115 23.50 -16.01 -2.41
N THR A 116 23.69 -17.24 -1.95
CA THR A 116 24.28 -18.24 -2.81
C THR A 116 23.38 -18.53 -4.03
N GLN A 117 22.08 -18.64 -3.79
CA GLN A 117 21.14 -18.91 -4.88
C GLN A 117 21.25 -17.85 -5.95
N GLY A 118 21.39 -16.59 -5.52
CA GLY A 118 21.50 -15.49 -6.45
C GLY A 118 22.74 -15.62 -7.33
N LYS A 119 23.75 -16.33 -6.84
CA LYS A 119 24.96 -16.50 -7.62
C LYS A 119 24.96 -17.82 -8.37
N GLY A 120 23.81 -18.50 -8.36
CA GLY A 120 23.68 -19.76 -9.05
C GLY A 120 24.53 -20.86 -8.43
N LEU A 121 24.52 -20.91 -7.10
CA LEU A 121 25.30 -21.89 -6.37
C LEU A 121 24.50 -22.51 -5.24
N MET A 122 24.92 -23.69 -4.80
CA MET A 122 24.24 -24.34 -3.69
C MET A 122 24.66 -23.59 -2.44
N PRO A 123 24.04 -23.90 -1.28
CA PRO A 123 24.42 -23.19 -0.06
C PRO A 123 25.89 -23.24 0.32
N ASP A 124 26.58 -24.33 -0.03
CA ASP A 124 27.99 -24.47 0.31
C ASP A 124 28.89 -23.60 -0.55
N GLY A 125 28.30 -22.87 -1.50
CA GLY A 125 29.09 -22.00 -2.36
C GLY A 125 29.62 -22.57 -3.67
N THR A 126 29.14 -23.75 -4.06
CA THR A 126 29.60 -24.34 -5.31
C THR A 126 28.45 -24.88 -6.14
N SER A 127 28.75 -25.20 -7.40
CA SER A 127 27.76 -25.75 -8.31
C SER A 127 27.91 -27.26 -8.45
N ARG A 128 26.79 -27.93 -8.70
CA ARG A 128 26.78 -29.37 -8.85
C ARG A 128 26.81 -29.74 -10.33
N PHE A 129 26.82 -28.73 -11.19
CA PHE A 129 26.82 -28.94 -12.63
C PHE A 129 28.13 -28.69 -13.35
N THR A 130 28.43 -29.53 -14.33
CA THR A 130 29.63 -29.41 -15.14
C THR A 130 29.28 -29.91 -16.55
N CYS A 131 29.98 -29.38 -17.55
CA CYS A 131 29.76 -29.78 -18.93
C CYS A 131 30.94 -29.37 -19.79
N LYS A 132 31.51 -30.33 -20.50
CA LYS A 132 32.67 -30.06 -21.35
C LYS A 132 33.80 -29.42 -20.52
N GLY A 133 33.99 -29.92 -19.31
CA GLY A 133 35.03 -29.39 -18.44
C GLY A 133 34.77 -28.03 -17.83
N LYS A 134 33.57 -27.49 -18.04
CA LYS A 134 33.21 -26.18 -17.52
C LYS A 134 32.14 -26.27 -16.43
N THR A 135 32.25 -25.40 -15.42
CA THR A 135 31.25 -25.38 -14.36
C THR A 135 30.03 -24.67 -14.94
N ILE A 136 28.85 -25.18 -14.63
CA ILE A 136 27.61 -24.56 -15.12
C ILE A 136 26.82 -24.11 -13.89
N LEU A 137 26.33 -22.88 -13.93
CA LEU A 137 25.58 -22.32 -12.81
C LEU A 137 24.16 -22.82 -12.65
N HIS A 138 23.67 -22.80 -11.41
CA HIS A 138 22.29 -23.18 -11.14
C HIS A 138 21.48 -21.93 -11.38
N TYR A 139 20.16 -22.08 -11.40
CA TYR A 139 19.28 -20.94 -11.66
C TYR A 139 18.07 -20.99 -10.72
N MET A 140 17.81 -19.88 -10.04
CA MET A 140 16.68 -19.78 -9.14
C MET A 140 16.61 -20.93 -8.13
N GLY A 141 17.75 -21.55 -7.84
CA GLY A 141 17.81 -22.65 -6.90
C GLY A 141 17.12 -23.92 -7.38
N THR A 142 16.70 -23.94 -8.64
CA THR A 142 15.99 -25.11 -9.18
C THR A 142 16.58 -25.75 -10.43
N SER A 143 16.96 -24.96 -11.42
CA SER A 143 17.51 -25.49 -12.68
C SER A 143 16.73 -26.70 -13.19
N THR A 144 15.45 -26.49 -13.55
CA THR A 144 14.62 -27.59 -14.03
C THR A 144 14.85 -28.01 -15.48
N PHE A 145 15.71 -27.30 -16.20
CA PHE A 145 15.98 -27.66 -17.60
C PHE A 145 17.05 -28.75 -17.69
N SER A 146 16.93 -29.76 -16.84
CA SER A 146 17.88 -30.87 -16.83
C SER A 146 17.17 -32.16 -16.42
N GLU A 147 17.66 -33.30 -16.88
CA GLU A 147 17.03 -34.56 -16.52
C GLU A 147 17.20 -34.76 -15.02
N TYR A 148 18.27 -34.20 -14.48
CA TYR A 148 18.56 -34.31 -13.05
C TYR A 148 19.12 -32.99 -12.52
N THR A 149 18.61 -32.56 -11.37
CA THR A 149 19.08 -31.34 -10.77
C THR A 149 19.32 -31.55 -9.29
N VAL A 150 20.06 -30.65 -8.67
CA VAL A 150 20.33 -30.73 -7.24
C VAL A 150 19.89 -29.41 -6.64
N VAL A 151 19.14 -29.48 -5.55
CA VAL A 151 18.68 -28.26 -4.91
C VAL A 151 18.87 -28.36 -3.41
N ALA A 152 18.79 -27.22 -2.73
CA ALA A 152 18.93 -27.17 -1.28
C ALA A 152 17.74 -27.98 -0.73
N ASP A 153 17.95 -28.68 0.38
CA ASP A 153 16.85 -29.48 0.92
C ASP A 153 15.67 -28.64 1.42
N ILE A 154 15.87 -27.33 1.57
CA ILE A 154 14.78 -26.46 2.01
C ILE A 154 14.03 -25.86 0.81
N SER A 155 14.41 -26.26 -0.40
CA SER A 155 13.76 -25.78 -1.62
C SER A 155 12.95 -26.92 -2.22
N VAL A 156 12.39 -27.77 -1.37
CA VAL A 156 11.63 -28.92 -1.86
C VAL A 156 10.26 -29.09 -1.22
N ALA A 157 9.24 -29.27 -2.06
CA ALA A 157 7.89 -29.49 -1.58
C ALA A 157 7.54 -30.93 -1.91
N LYS A 158 7.20 -31.72 -0.89
CA LYS A 158 6.82 -33.12 -1.08
C LYS A 158 5.33 -33.10 -1.36
N ILE A 159 4.93 -33.68 -2.49
CA ILE A 159 3.52 -33.66 -2.87
C ILE A 159 2.85 -35.00 -3.03
N ASP A 160 1.55 -34.97 -3.29
CA ASP A 160 0.75 -36.17 -3.47
C ASP A 160 1.34 -37.07 -4.55
N PRO A 161 1.66 -38.32 -4.20
CA PRO A 161 2.23 -39.30 -5.14
C PRO A 161 1.39 -39.54 -6.39
N LEU A 162 0.11 -39.19 -6.33
CA LEU A 162 -0.81 -39.40 -7.45
C LEU A 162 -0.94 -38.22 -8.41
N ALA A 163 -0.30 -37.11 -8.06
CA ALA A 163 -0.35 -35.90 -8.88
C ALA A 163 0.33 -36.06 -10.23
N PRO A 164 -0.33 -35.61 -11.31
CA PRO A 164 0.23 -35.70 -12.66
C PRO A 164 1.31 -34.63 -12.78
N LEU A 165 2.56 -35.07 -12.84
CA LEU A 165 3.71 -34.17 -12.88
C LEU A 165 3.79 -33.26 -14.12
N ASP A 166 3.23 -33.72 -15.22
CA ASP A 166 3.23 -32.94 -16.46
C ASP A 166 2.20 -31.81 -16.36
N LYS A 167 1.62 -31.69 -15.17
CA LYS A 167 0.62 -30.67 -14.87
C LYS A 167 1.04 -29.78 -13.68
N VAL A 168 1.18 -30.39 -12.50
CA VAL A 168 1.52 -29.64 -11.30
C VAL A 168 2.85 -28.89 -11.34
N CYS A 169 3.67 -29.14 -12.36
CA CYS A 169 4.92 -28.43 -12.46
C CYS A 169 4.63 -26.92 -12.54
N LEU A 170 3.45 -26.57 -13.05
CA LEU A 170 3.05 -25.17 -13.19
C LEU A 170 2.79 -24.49 -11.86
N LEU A 171 2.60 -25.29 -10.81
CA LEU A 171 2.35 -24.74 -9.49
C LEU A 171 3.66 -24.22 -8.92
N GLY A 172 4.75 -24.40 -9.67
CA GLY A 172 6.03 -23.90 -9.22
C GLY A 172 6.21 -22.42 -9.52
N CYS A 173 5.24 -21.83 -10.22
CA CYS A 173 5.35 -20.41 -10.60
C CYS A 173 4.06 -19.61 -10.75
N GLY A 174 3.64 -19.47 -12.00
CA GLY A 174 2.48 -18.67 -12.37
C GLY A 174 1.16 -18.89 -11.66
N ILE A 175 0.69 -20.13 -11.61
CA ILE A 175 -0.59 -20.43 -10.98
C ILE A 175 -0.62 -20.05 -9.50
N SER A 176 0.37 -20.55 -8.76
CA SER A 176 0.43 -20.28 -7.33
C SER A 176 0.55 -18.79 -7.05
N THR A 177 1.32 -18.09 -7.87
CA THR A 177 1.51 -16.66 -7.70
C THR A 177 0.22 -15.85 -7.87
N GLY A 178 -0.42 -16.01 -9.02
CA GLY A 178 -1.66 -15.29 -9.27
C GLY A 178 -2.75 -15.63 -8.28
N TYR A 179 -2.90 -16.92 -7.99
CA TYR A 179 -3.91 -17.38 -7.06
C TYR A 179 -3.68 -16.77 -5.66
N GLY A 180 -2.43 -16.83 -5.19
CA GLY A 180 -2.10 -16.27 -3.89
C GLY A 180 -2.26 -14.77 -3.83
N ALA A 181 -1.97 -14.10 -4.94
CA ALA A 181 -2.09 -12.65 -5.00
C ALA A 181 -3.51 -12.25 -4.60
N ALA A 182 -4.48 -13.04 -5.04
CA ALA A 182 -5.87 -12.77 -4.75
C ALA A 182 -6.27 -13.15 -3.32
N VAL A 183 -5.98 -14.38 -2.91
CA VAL A 183 -6.38 -14.85 -1.59
C VAL A 183 -5.45 -14.61 -0.40
N ASN A 184 -4.16 -14.37 -0.66
CA ASN A 184 -3.24 -14.12 0.46
C ASN A 184 -2.88 -12.64 0.61
N THR A 185 -2.53 -12.00 -0.50
CA THR A 185 -2.12 -10.61 -0.46
C THR A 185 -3.30 -9.64 -0.43
N ALA A 186 -4.21 -9.77 -1.38
CA ALA A 186 -5.37 -8.91 -1.41
C ALA A 186 -6.41 -9.34 -0.37
N LYS A 187 -6.61 -10.65 -0.23
CA LYS A 187 -7.60 -11.19 0.70
C LYS A 187 -8.94 -10.53 0.39
N LEU A 188 -9.31 -10.47 -0.89
CA LEU A 188 -10.56 -9.84 -1.28
C LEU A 188 -11.78 -10.51 -0.67
N GLU A 189 -12.79 -9.72 -0.34
CA GLU A 189 -14.01 -10.24 0.26
C GLU A 189 -15.05 -10.61 -0.80
N PRO A 190 -15.98 -11.51 -0.45
CA PRO A 190 -17.03 -11.90 -1.42
C PRO A 190 -17.78 -10.66 -1.91
N GLY A 191 -18.05 -10.60 -3.21
CA GLY A 191 -18.75 -9.45 -3.76
C GLY A 191 -17.85 -8.36 -4.31
N SER A 192 -16.55 -8.48 -4.05
CA SER A 192 -15.57 -7.48 -4.51
C SER A 192 -15.54 -7.26 -6.01
N VAL A 193 -15.24 -6.02 -6.40
CA VAL A 193 -15.13 -5.65 -7.82
C VAL A 193 -13.64 -5.64 -8.13
N CYS A 194 -13.22 -6.46 -9.08
CA CYS A 194 -11.80 -6.57 -9.43
C CYS A 194 -11.47 -6.27 -10.88
N ALA A 195 -10.22 -5.88 -11.10
CA ALA A 195 -9.69 -5.61 -12.43
C ALA A 195 -8.32 -6.31 -12.45
N VAL A 196 -8.06 -7.04 -13.54
CA VAL A 196 -6.81 -7.77 -13.69
C VAL A 196 -6.11 -7.35 -14.98
N PHE A 197 -4.96 -6.68 -14.84
CA PHE A 197 -4.19 -6.21 -15.99
C PHE A 197 -3.17 -7.26 -16.38
N GLY A 198 -3.31 -7.77 -17.60
CA GLY A 198 -2.40 -8.79 -18.08
C GLY A 198 -3.13 -10.11 -17.93
N LEU A 199 -3.42 -10.75 -19.05
CA LEU A 199 -4.16 -12.00 -18.99
C LEU A 199 -3.37 -13.24 -19.39
N GLY A 200 -2.15 -13.32 -18.89
CA GLY A 200 -1.32 -14.48 -19.15
C GLY A 200 -1.58 -15.47 -18.03
N GLY A 201 -0.69 -16.45 -17.87
CA GLY A 201 -0.89 -17.43 -16.81
C GLY A 201 -1.06 -16.78 -15.45
N VAL A 202 -0.32 -15.73 -15.17
CA VAL A 202 -0.43 -15.07 -13.86
C VAL A 202 -1.79 -14.38 -13.71
N GLY A 203 -2.19 -13.60 -14.71
CA GLY A 203 -3.48 -12.94 -14.65
C GLY A 203 -4.63 -13.92 -14.55
N LEU A 204 -4.56 -15.02 -15.28
CA LEU A 204 -5.63 -16.03 -15.24
C LEU A 204 -5.74 -16.64 -13.84
N ALA A 205 -4.59 -16.85 -13.20
CA ALA A 205 -4.54 -17.42 -11.86
C ALA A 205 -5.18 -16.43 -10.86
N VAL A 206 -4.99 -15.14 -11.11
CA VAL A 206 -5.58 -14.12 -10.24
C VAL A 206 -7.10 -14.20 -10.40
N ILE A 207 -7.56 -14.27 -11.64
CA ILE A 207 -9.00 -14.35 -11.93
C ILE A 207 -9.55 -15.58 -11.21
N MET A 208 -8.84 -16.69 -11.34
CA MET A 208 -9.23 -17.93 -10.70
C MET A 208 -9.39 -17.70 -9.20
N GLY A 209 -8.43 -17.00 -8.61
CA GLY A 209 -8.48 -16.70 -7.19
C GLY A 209 -9.61 -15.77 -6.84
N CYS A 210 -9.84 -14.76 -7.68
CA CYS A 210 -10.93 -13.82 -7.45
C CYS A 210 -12.26 -14.57 -7.44
N LYS A 211 -12.38 -15.54 -8.34
CA LYS A 211 -13.60 -16.34 -8.44
C LYS A 211 -13.77 -17.20 -7.19
N VAL A 212 -12.67 -17.80 -6.74
CA VAL A 212 -12.71 -18.64 -5.53
C VAL A 212 -13.15 -17.80 -4.34
N ALA A 213 -12.70 -16.54 -4.30
CA ALA A 213 -13.03 -15.65 -3.19
C ALA A 213 -14.45 -15.06 -3.31
N GLY A 214 -15.14 -15.38 -4.40
CA GLY A 214 -16.49 -14.89 -4.58
C GLY A 214 -16.62 -13.46 -5.09
N ALA A 215 -15.68 -13.03 -5.90
CA ALA A 215 -15.72 -11.68 -6.48
C ALA A 215 -16.99 -11.54 -7.32
N SER A 216 -17.62 -10.37 -7.29
CA SER A 216 -18.84 -10.15 -8.05
C SER A 216 -18.55 -9.77 -9.49
N ARG A 217 -17.54 -8.94 -9.68
CA ARG A 217 -17.19 -8.49 -11.02
C ARG A 217 -15.67 -8.59 -11.20
N ILE A 218 -15.25 -9.23 -12.29
CA ILE A 218 -13.84 -9.41 -12.58
C ILE A 218 -13.58 -8.91 -14.00
N ILE A 219 -12.94 -7.75 -14.11
CA ILE A 219 -12.66 -7.14 -15.39
C ILE A 219 -11.24 -7.44 -15.86
N GLY A 220 -11.12 -8.18 -16.95
CA GLY A 220 -9.83 -8.51 -17.49
C GLY A 220 -9.34 -7.43 -18.45
N VAL A 221 -8.05 -7.15 -18.42
CA VAL A 221 -7.49 -6.12 -19.28
C VAL A 221 -6.24 -6.65 -19.98
N ASP A 222 -6.23 -6.54 -21.31
CA ASP A 222 -5.07 -6.97 -22.10
C ASP A 222 -5.12 -6.31 -23.46
N ILE A 223 -3.96 -5.99 -24.02
CA ILE A 223 -3.87 -5.37 -25.34
C ILE A 223 -4.00 -6.43 -26.44
N ASN A 224 -4.00 -7.70 -26.03
CA ASN A 224 -4.13 -8.82 -26.96
C ASN A 224 -5.48 -9.50 -26.72
N LYS A 225 -6.46 -9.15 -27.55
CA LYS A 225 -7.82 -9.70 -27.43
C LYS A 225 -7.94 -11.21 -27.52
N ASP A 226 -6.90 -11.87 -28.02
CA ASP A 226 -6.92 -13.33 -28.14
C ASP A 226 -6.93 -13.98 -26.75
N LYS A 227 -6.52 -13.20 -25.75
CA LYS A 227 -6.45 -13.68 -24.37
C LYS A 227 -7.81 -13.67 -23.67
N PHE A 228 -8.74 -12.90 -24.21
CA PHE A 228 -10.08 -12.75 -23.62
C PHE A 228 -10.91 -14.02 -23.42
N ALA A 229 -11.01 -14.86 -24.45
CA ALA A 229 -11.80 -16.09 -24.38
C ALA A 229 -11.46 -16.95 -23.16
N ARG A 230 -10.18 -17.24 -22.99
CA ARG A 230 -9.76 -18.07 -21.86
C ARG A 230 -9.99 -17.33 -20.54
N ALA A 231 -9.82 -16.01 -20.55
CA ALA A 231 -10.01 -15.21 -19.35
C ALA A 231 -11.46 -15.33 -18.85
N LYS A 232 -12.41 -15.35 -19.78
CA LYS A 232 -13.81 -15.47 -19.42
C LYS A 232 -14.12 -16.87 -18.92
N GLU A 233 -13.43 -17.88 -19.47
CA GLU A 233 -13.63 -19.25 -19.04
C GLU A 233 -13.18 -19.38 -17.58
N PHE A 234 -12.16 -18.59 -17.22
CA PHE A 234 -11.64 -18.59 -15.85
C PHE A 234 -12.51 -17.79 -14.88
N GLY A 235 -13.42 -16.98 -15.40
CA GLY A 235 -14.30 -16.23 -14.54
C GLY A 235 -14.43 -14.73 -14.78
N ALA A 236 -13.67 -14.18 -15.73
CA ALA A 236 -13.76 -12.75 -15.99
C ALA A 236 -15.17 -12.43 -16.47
N THR A 237 -15.80 -11.44 -15.85
CA THR A 237 -17.15 -11.05 -16.22
C THR A 237 -17.15 -10.29 -17.54
N GLU A 238 -16.01 -9.69 -17.86
CA GLU A 238 -15.84 -8.97 -19.11
C GLU A 238 -14.37 -8.60 -19.30
N CYS A 239 -13.99 -8.36 -20.55
CA CYS A 239 -12.61 -7.99 -20.86
C CYS A 239 -12.57 -6.74 -21.73
N ILE A 240 -11.57 -5.91 -21.47
CA ILE A 240 -11.41 -4.69 -22.26
C ILE A 240 -9.97 -4.53 -22.73
N ASN A 241 -9.82 -3.95 -23.92
CA ASN A 241 -8.50 -3.69 -24.50
C ASN A 241 -8.24 -2.19 -24.39
N PRO A 242 -7.19 -1.78 -23.66
CA PRO A 242 -6.88 -0.36 -23.50
C PRO A 242 -6.78 0.36 -24.85
N GLN A 243 -6.41 -0.39 -25.89
CA GLN A 243 -6.26 0.19 -27.22
C GLN A 243 -7.59 0.59 -27.85
N ASP A 244 -8.70 0.14 -27.29
CA ASP A 244 -10.00 0.49 -27.84
C ASP A 244 -10.58 1.78 -27.25
N PHE A 245 -9.83 2.41 -26.36
CA PHE A 245 -10.29 3.65 -25.74
C PHE A 245 -9.25 4.75 -25.91
N SER A 246 -9.71 6.00 -25.99
CA SER A 246 -8.79 7.13 -26.14
C SER A 246 -8.33 7.66 -24.79
N LYS A 247 -9.15 7.45 -23.75
CA LYS A 247 -8.81 7.92 -22.41
C LYS A 247 -7.92 6.91 -21.70
N PRO A 248 -7.17 7.35 -20.68
CA PRO A 248 -6.30 6.43 -19.94
C PRO A 248 -7.16 5.30 -19.38
N ILE A 249 -6.61 4.08 -19.35
CA ILE A 249 -7.35 2.91 -18.88
C ILE A 249 -7.98 3.07 -17.50
N GLN A 250 -7.31 3.78 -16.60
CA GLN A 250 -7.86 3.95 -15.25
C GLN A 250 -9.16 4.77 -15.28
N GLU A 251 -9.27 5.69 -16.22
CA GLU A 251 -10.47 6.50 -16.35
C GLU A 251 -11.61 5.64 -16.86
N VAL A 252 -11.31 4.76 -17.81
CA VAL A 252 -12.31 3.86 -18.35
C VAL A 252 -12.86 2.97 -17.23
N LEU A 253 -11.95 2.40 -16.45
CA LEU A 253 -12.36 1.52 -15.34
C LEU A 253 -13.15 2.26 -14.27
N ILE A 254 -12.71 3.47 -13.94
CA ILE A 254 -13.42 4.28 -12.95
C ILE A 254 -14.85 4.53 -13.43
N GLU A 255 -14.99 4.83 -14.72
CA GLU A 255 -16.31 5.09 -15.31
C GLU A 255 -17.20 3.85 -15.33
N MET A 256 -16.61 2.69 -15.60
CA MET A 256 -17.34 1.40 -15.66
C MET A 256 -17.80 0.88 -14.30
N THR A 257 -17.16 1.34 -13.23
CA THR A 257 -17.47 0.84 -11.90
C THR A 257 -17.94 1.92 -10.93
N ASP A 258 -18.29 3.08 -11.47
CA ASP A 258 -18.74 4.20 -10.68
C ASP A 258 -17.82 4.53 -9.50
N GLY A 259 -16.57 4.82 -9.82
CA GLY A 259 -15.60 5.16 -8.80
C GLY A 259 -14.28 4.42 -8.86
N GLY A 260 -14.31 3.20 -9.39
CA GLY A 260 -13.10 2.41 -9.47
C GLY A 260 -13.31 1.03 -8.85
N VAL A 261 -12.37 0.12 -9.08
CA VAL A 261 -12.47 -1.25 -8.55
C VAL A 261 -12.03 -1.32 -7.08
N ASP A 262 -12.46 -2.38 -6.38
CA ASP A 262 -12.08 -2.56 -4.99
C ASP A 262 -10.65 -3.11 -4.97
N TYR A 263 -10.32 -3.96 -5.95
CA TYR A 263 -8.99 -4.55 -6.04
C TYR A 263 -8.53 -4.65 -7.48
N SER A 264 -7.27 -4.29 -7.71
CA SER A 264 -6.68 -4.36 -9.03
C SER A 264 -5.38 -5.14 -8.93
N PHE A 265 -5.05 -5.89 -9.97
CA PHE A 265 -3.80 -6.65 -9.99
C PHE A 265 -3.05 -6.40 -11.30
N GLU A 266 -1.80 -5.95 -11.18
CA GLU A 266 -0.99 -5.71 -12.36
C GLU A 266 -0.15 -6.96 -12.55
N CYS A 267 -0.40 -7.68 -13.64
CA CYS A 267 0.32 -8.91 -13.93
C CYS A 267 1.03 -8.82 -15.28
N ILE A 268 1.78 -7.74 -15.45
CA ILE A 268 2.50 -7.50 -16.70
C ILE A 268 3.96 -7.15 -16.46
N GLY A 269 4.20 -6.20 -15.56
CA GLY A 269 5.55 -5.76 -15.28
C GLY A 269 5.82 -4.45 -15.98
N ASN A 270 4.76 -3.68 -16.19
CA ASN A 270 4.86 -2.38 -16.84
C ASN A 270 4.54 -1.29 -15.83
N VAL A 271 5.53 -0.47 -15.48
CA VAL A 271 5.33 0.56 -14.47
C VAL A 271 4.25 1.58 -14.78
N LYS A 272 3.96 1.82 -16.04
CA LYS A 272 2.93 2.79 -16.36
C LYS A 272 1.55 2.18 -16.08
N VAL A 273 1.46 0.87 -16.31
CA VAL A 273 0.20 0.16 -16.10
C VAL A 273 0.01 -0.01 -14.60
N MET A 274 1.12 -0.18 -13.88
CA MET A 274 1.04 -0.33 -12.44
C MET A 274 0.39 0.91 -11.86
N ARG A 275 0.78 2.08 -12.37
CA ARG A 275 0.20 3.33 -11.89
C ARG A 275 -1.28 3.35 -12.23
N ALA A 276 -1.59 3.02 -13.47
CA ALA A 276 -2.98 2.96 -13.94
C ALA A 276 -3.80 2.04 -13.02
N ALA A 277 -3.23 0.89 -12.69
CA ALA A 277 -3.90 -0.08 -11.83
C ALA A 277 -4.22 0.50 -10.47
N LEU A 278 -3.27 1.26 -9.93
CA LEU A 278 -3.49 1.87 -8.63
C LEU A 278 -4.58 2.93 -8.73
N GLU A 279 -4.46 3.81 -9.71
CA GLU A 279 -5.42 4.89 -9.90
C GLU A 279 -6.80 4.41 -10.36
N ALA A 280 -6.87 3.18 -10.85
CA ALA A 280 -8.14 2.60 -11.28
C ALA A 280 -8.92 2.11 -10.06
N CYS A 281 -8.24 2.09 -8.90
CA CYS A 281 -8.88 1.64 -7.67
C CYS A 281 -9.78 2.72 -7.07
N HIS A 282 -10.87 2.26 -6.48
CA HIS A 282 -11.86 3.16 -5.88
C HIS A 282 -11.31 3.97 -4.71
N LYS A 283 -11.72 5.22 -4.64
CA LYS A 283 -11.30 6.10 -3.56
C LYS A 283 -11.74 5.53 -2.23
N GLY A 284 -10.97 5.81 -1.18
CA GLY A 284 -11.33 5.35 0.16
C GLY A 284 -10.96 3.95 0.59
N TRP A 285 -11.07 2.96 -0.30
CA TRP A 285 -10.73 1.59 0.09
C TRP A 285 -10.08 0.76 -1.00
N GLY A 286 -9.86 1.33 -2.18
CA GLY A 286 -9.24 0.57 -3.26
C GLY A 286 -7.86 0.06 -2.92
N VAL A 287 -7.56 -1.17 -3.34
CA VAL A 287 -6.26 -1.80 -3.10
C VAL A 287 -5.71 -2.35 -4.41
N SER A 288 -4.46 -2.02 -4.73
CA SER A 288 -3.81 -2.51 -5.95
C SER A 288 -2.61 -3.37 -5.59
N VAL A 289 -2.53 -4.56 -6.18
CA VAL A 289 -1.43 -5.47 -5.93
C VAL A 289 -0.54 -5.61 -7.17
N VAL A 290 0.76 -5.33 -6.99
CA VAL A 290 1.71 -5.46 -8.08
C VAL A 290 2.23 -6.89 -8.12
N VAL A 291 1.97 -7.59 -9.20
CA VAL A 291 2.46 -8.96 -9.32
C VAL A 291 3.58 -9.00 -10.35
N GLY A 292 3.44 -8.19 -11.41
CA GLY A 292 4.44 -8.15 -12.46
C GLY A 292 5.81 -7.71 -12.00
N VAL A 293 6.85 -8.15 -12.69
CA VAL A 293 8.22 -7.80 -12.34
C VAL A 293 8.78 -6.81 -13.37
N ALA A 294 8.89 -5.56 -12.95
CA ALA A 294 9.40 -4.52 -13.84
C ALA A 294 10.90 -4.65 -14.08
N ALA A 295 11.36 -4.09 -15.19
CA ALA A 295 12.77 -4.10 -15.56
C ALA A 295 13.53 -3.32 -14.50
N SER A 296 14.75 -3.74 -14.19
CA SER A 296 15.56 -3.08 -13.18
C SER A 296 15.72 -1.59 -13.49
N GLY A 297 15.78 -0.79 -12.45
CA GLY A 297 15.93 0.64 -12.59
C GLY A 297 14.63 1.40 -12.79
N GLU A 298 13.64 0.77 -13.40
CA GLU A 298 12.37 1.45 -13.64
C GLU A 298 11.67 1.64 -12.30
N GLU A 299 10.86 2.68 -12.21
CA GLU A 299 10.13 2.89 -10.97
C GLU A 299 8.70 3.34 -11.19
N ILE A 300 7.87 3.05 -10.20
CA ILE A 300 6.46 3.39 -10.26
C ILE A 300 6.24 4.75 -9.62
N ALA A 301 5.17 5.42 -10.02
CA ALA A 301 4.88 6.73 -9.46
C ALA A 301 3.40 7.06 -9.49
N THR A 302 3.04 8.07 -8.69
CA THR A 302 1.67 8.55 -8.59
C THR A 302 1.72 9.75 -7.66
N ARG A 303 0.59 10.45 -7.50
CA ARG A 303 0.53 11.58 -6.61
C ARG A 303 0.07 11.04 -5.26
N PRO A 304 0.78 11.38 -4.18
CA PRO A 304 0.42 10.90 -2.83
C PRO A 304 -1.06 11.08 -2.50
N PHE A 305 -1.70 12.02 -3.16
CA PHE A 305 -3.12 12.28 -2.95
C PHE A 305 -3.92 10.97 -3.10
N GLN A 306 -3.48 10.13 -4.05
CA GLN A 306 -4.13 8.85 -4.30
C GLN A 306 -4.16 7.94 -3.07
N LEU A 307 -3.08 7.99 -2.30
CA LEU A 307 -2.99 7.18 -1.10
C LEU A 307 -3.66 7.87 0.07
N VAL A 308 -3.49 9.18 0.15
CA VAL A 308 -4.10 9.95 1.21
C VAL A 308 -5.61 9.82 1.16
N THR A 309 -6.16 9.66 -0.05
CA THR A 309 -7.60 9.51 -0.19
C THR A 309 -8.08 8.06 -0.12
N GLY A 310 -7.27 7.20 0.52
CA GLY A 310 -7.69 5.83 0.72
C GLY A 310 -7.18 4.64 -0.06
N ARG A 311 -6.45 4.85 -1.15
CA ARG A 311 -5.96 3.69 -1.89
C ARG A 311 -4.67 3.14 -1.29
N THR A 312 -4.48 1.82 -1.43
CA THR A 312 -3.31 1.13 -0.90
C THR A 312 -2.55 0.43 -2.02
N TRP A 313 -1.22 0.53 -1.98
CA TRP A 313 -0.38 -0.10 -3.00
C TRP A 313 0.37 -1.27 -2.35
N LYS A 314 0.15 -2.47 -2.88
CA LYS A 314 0.83 -3.67 -2.36
C LYS A 314 1.54 -4.43 -3.49
N GLY A 315 2.29 -5.45 -3.09
CA GLY A 315 3.00 -6.28 -4.04
C GLY A 315 2.96 -7.70 -3.54
N THR A 316 3.44 -8.66 -4.33
CA THR A 316 3.44 -10.04 -3.91
C THR A 316 4.57 -10.82 -4.56
N ALA A 317 5.03 -11.85 -3.85
CA ALA A 317 6.10 -12.71 -4.35
C ALA A 317 5.59 -14.13 -4.17
N PHE A 318 5.49 -14.86 -5.28
CA PHE A 318 4.99 -16.24 -5.27
C PHE A 318 3.68 -16.31 -4.50
N GLY A 319 2.80 -15.34 -4.74
CA GLY A 319 1.50 -15.31 -4.10
C GLY A 319 1.49 -15.31 -2.59
N GLY A 320 2.63 -15.02 -1.97
CA GLY A 320 2.70 -15.00 -0.52
C GLY A 320 2.63 -16.36 0.15
N TRP A 321 2.75 -17.43 -0.62
CA TRP A 321 2.70 -18.77 -0.05
C TRP A 321 4.01 -19.21 0.60
N LYS A 322 3.95 -19.65 1.85
CA LYS A 322 5.15 -20.17 2.49
C LYS A 322 5.27 -21.47 1.70
N SER A 323 6.19 -21.46 0.74
CA SER A 323 6.41 -22.56 -0.21
C SER A 323 6.33 -24.02 0.21
N VAL A 324 7.22 -24.44 1.11
CA VAL A 324 7.23 -25.84 1.50
C VAL A 324 5.92 -26.37 2.07
N GLU A 325 5.26 -25.58 2.91
CA GLU A 325 4.00 -26.04 3.49
C GLU A 325 2.79 -25.78 2.60
N SER A 326 2.88 -24.80 1.71
CA SER A 326 1.73 -24.46 0.87
C SER A 326 1.58 -25.22 -0.44
N VAL A 327 2.67 -25.36 -1.19
CA VAL A 327 2.60 -26.05 -2.47
C VAL A 327 1.89 -27.40 -2.40
N PRO A 328 2.18 -28.23 -1.37
CA PRO A 328 1.50 -29.52 -1.29
C PRO A 328 -0.01 -29.33 -1.16
N LYS A 329 -0.41 -28.32 -0.40
CA LYS A 329 -1.82 -28.04 -0.21
C LYS A 329 -2.45 -27.55 -1.51
N LEU A 330 -1.66 -26.82 -2.31
CA LEU A 330 -2.16 -26.32 -3.59
C LEU A 330 -2.36 -27.50 -4.54
N VAL A 331 -1.45 -28.47 -4.46
CA VAL A 331 -1.57 -29.67 -5.29
C VAL A 331 -2.85 -30.39 -4.89
N SER A 332 -3.14 -30.43 -3.58
CA SER A 332 -4.35 -31.10 -3.11
C SER A 332 -5.61 -30.37 -3.56
N GLU A 333 -5.56 -29.04 -3.60
CA GLU A 333 -6.73 -28.29 -4.05
C GLU A 333 -6.98 -28.59 -5.53
N TYR A 334 -5.90 -28.82 -6.27
CA TYR A 334 -6.03 -29.16 -7.69
C TYR A 334 -6.61 -30.56 -7.81
N MET A 335 -6.12 -31.50 -6.99
CA MET A 335 -6.59 -32.87 -7.01
C MET A 335 -8.07 -32.96 -6.63
N SER A 336 -8.50 -32.08 -5.73
CA SER A 336 -9.89 -32.04 -5.28
C SER A 336 -10.76 -31.21 -6.19
N LYS A 337 -10.15 -30.67 -7.24
CA LYS A 337 -10.86 -29.84 -8.21
C LYS A 337 -11.25 -28.46 -7.69
N LYS A 338 -10.61 -27.99 -6.63
CA LYS A 338 -10.94 -26.67 -6.11
C LYS A 338 -10.33 -25.59 -7.02
N ILE A 339 -9.15 -25.88 -7.57
CA ILE A 339 -8.48 -24.93 -8.46
C ILE A 339 -8.11 -25.66 -9.75
N LYS A 340 -7.79 -24.89 -10.79
CA LYS A 340 -7.43 -25.49 -12.06
C LYS A 340 -5.94 -25.40 -12.33
N VAL A 341 -5.45 -26.34 -13.13
CA VAL A 341 -4.05 -26.37 -13.53
C VAL A 341 -4.00 -26.75 -15.01
N ASP A 342 -4.69 -27.82 -15.36
CA ASP A 342 -4.72 -28.31 -16.73
C ASP A 342 -5.03 -27.23 -17.75
N GLU A 343 -5.97 -26.35 -17.42
CA GLU A 343 -6.39 -25.28 -18.30
C GLU A 343 -5.31 -24.26 -18.64
N PHE A 344 -4.20 -24.31 -17.91
CA PHE A 344 -3.09 -23.39 -18.13
C PHE A 344 -2.16 -23.90 -19.21
N VAL A 345 -2.19 -25.20 -19.49
CA VAL A 345 -1.32 -25.81 -20.50
C VAL A 345 -1.84 -25.55 -21.91
N THR A 346 -1.09 -24.76 -22.67
CA THR A 346 -1.45 -24.41 -24.03
C THR A 346 -0.66 -25.20 -25.08
N HIS A 347 0.53 -25.66 -24.72
CA HIS A 347 1.36 -26.43 -25.63
C HIS A 347 2.21 -27.46 -24.89
N ASN A 348 2.59 -28.52 -25.61
CA ASN A 348 3.42 -29.60 -25.08
C ASN A 348 4.56 -29.87 -26.06
N LEU A 349 5.76 -30.04 -25.52
CA LEU A 349 6.95 -30.30 -26.33
C LEU A 349 7.84 -31.34 -25.69
N SER A 350 8.75 -31.87 -26.49
CA SER A 350 9.72 -32.83 -25.95
C SER A 350 10.93 -32.00 -25.58
N PHE A 351 11.80 -32.56 -24.75
CA PHE A 351 13.00 -31.86 -24.31
C PHE A 351 13.87 -31.27 -25.44
N ASP A 352 14.16 -32.07 -26.48
CA ASP A 352 14.98 -31.65 -27.63
C ASP A 352 14.38 -30.39 -28.28
N GLU A 353 13.07 -30.22 -28.16
CA GLU A 353 12.37 -29.09 -28.75
C GLU A 353 12.12 -27.91 -27.81
N ILE A 354 12.77 -27.94 -26.66
CA ILE A 354 12.61 -26.89 -25.66
C ILE A 354 12.68 -25.47 -26.21
N ASN A 355 13.59 -25.23 -27.15
CA ASN A 355 13.73 -23.90 -27.73
C ASN A 355 12.42 -23.39 -28.36
N LYS A 356 11.59 -24.30 -28.85
CA LYS A 356 10.31 -23.91 -29.44
C LYS A 356 9.42 -23.17 -28.44
N ALA A 357 9.60 -23.47 -27.16
CA ALA A 357 8.81 -22.83 -26.12
C ALA A 357 9.03 -21.32 -26.13
N PHE A 358 10.26 -20.92 -26.44
CA PHE A 358 10.59 -19.50 -26.49
C PHE A 358 9.95 -18.82 -27.69
N GLU A 359 9.88 -19.53 -28.80
CA GLU A 359 9.26 -18.97 -29.99
C GLU A 359 7.77 -18.82 -29.72
N LEU A 360 7.19 -19.81 -29.05
CA LEU A 360 5.77 -19.75 -28.72
C LEU A 360 5.47 -18.50 -27.89
N MET A 361 6.35 -18.19 -26.93
CA MET A 361 6.16 -17.00 -26.11
C MET A 361 6.26 -15.72 -26.91
N HIS A 362 7.22 -15.64 -27.83
CA HIS A 362 7.39 -14.44 -28.66
C HIS A 362 6.31 -14.33 -29.71
N SER A 363 5.41 -15.30 -29.75
CA SER A 363 4.32 -15.28 -30.71
C SER A 363 3.07 -14.77 -30.02
N GLY A 364 3.13 -14.75 -28.69
CA GLY A 364 2.01 -14.29 -27.90
C GLY A 364 0.91 -15.33 -27.79
N LYS A 365 1.15 -16.51 -28.33
CA LYS A 365 0.14 -17.58 -28.29
C LYS A 365 0.19 -18.53 -27.12
N SER A 366 1.00 -18.25 -26.10
CA SER A 366 1.06 -19.19 -25.01
C SER A 366 0.75 -18.68 -23.61
N ILE A 367 0.31 -19.60 -22.77
CA ILE A 367 0.03 -19.32 -21.36
C ILE A 367 1.19 -20.04 -20.70
N ARG A 368 1.21 -21.36 -20.85
CA ARG A 368 2.30 -22.16 -20.31
C ARG A 368 2.58 -23.36 -21.21
N THR A 369 3.79 -23.48 -21.72
CA THR A 369 4.14 -24.62 -22.57
C THR A 369 4.82 -25.66 -21.63
N VAL A 370 4.47 -26.93 -21.76
CA VAL A 370 5.04 -28.01 -20.93
C VAL A 370 5.97 -28.85 -21.73
N VAL A 371 7.17 -28.95 -21.21
CA VAL A 371 8.18 -29.69 -21.91
C VAL A 371 8.38 -30.99 -21.18
N LYS A 372 8.20 -32.12 -21.87
CA LYS A 372 8.41 -33.47 -21.29
C LYS A 372 9.95 -33.85 -21.25
N ILE A 373 10.46 -34.20 -20.09
CA ILE A 373 11.86 -34.57 -19.99
C ILE A 373 12.01 -35.98 -20.57
N ALA B 1 -36.94 35.43 15.98
CA ALA B 1 -36.36 34.30 15.19
C ALA B 1 -34.83 34.41 15.19
N ASN B 2 -34.20 33.70 14.26
CA ASN B 2 -32.75 33.76 14.14
C ASN B 2 -32.44 34.95 13.25
N GLU B 3 -31.78 35.96 13.82
CA GLU B 3 -31.44 37.19 13.11
C GLU B 3 -30.03 37.12 12.51
N VAL B 4 -29.71 38.11 11.69
CA VAL B 4 -28.39 38.23 11.11
C VAL B 4 -27.49 38.64 12.27
N ILE B 5 -26.31 38.05 12.36
CA ILE B 5 -25.41 38.41 13.44
C ILE B 5 -24.26 39.27 12.92
N LYS B 6 -23.98 40.33 13.64
CA LYS B 6 -22.88 41.21 13.28
C LYS B 6 -21.78 40.91 14.29
N CYS B 7 -20.65 40.45 13.82
CA CYS B 7 -19.55 40.09 14.71
C CYS B 7 -18.20 40.33 14.05
N LYS B 8 -17.13 39.89 14.71
CA LYS B 8 -15.80 40.04 14.15
C LYS B 8 -15.35 38.72 13.56
N ALA B 9 -14.47 38.81 12.57
CA ALA B 9 -13.92 37.64 11.91
C ALA B 9 -12.58 38.02 11.29
N ALA B 10 -11.69 37.04 11.17
CA ALA B 10 -10.37 37.24 10.59
C ALA B 10 -10.56 36.95 9.10
N VAL B 11 -10.66 38.00 8.28
CA VAL B 11 -10.87 37.83 6.86
C VAL B 11 -9.57 37.85 6.05
N ALA B 12 -9.48 36.91 5.11
CA ALA B 12 -8.33 36.80 4.20
C ALA B 12 -8.82 37.44 2.91
N TRP B 13 -8.57 38.73 2.73
CA TRP B 13 -9.01 39.42 1.52
C TRP B 13 -8.32 38.91 0.28
N GLU B 14 -7.05 38.52 0.42
CA GLU B 14 -6.30 38.04 -0.73
C GLU B 14 -5.11 37.20 -0.31
N ALA B 15 -4.64 36.38 -1.25
CA ALA B 15 -3.49 35.51 -1.04
C ALA B 15 -2.22 36.31 -0.71
N GLY B 16 -1.32 35.70 0.06
CA GLY B 16 -0.06 36.34 0.43
C GLY B 16 -0.15 37.55 1.34
N LYS B 17 -1.32 37.79 1.92
CA LYS B 17 -1.52 38.92 2.81
C LYS B 17 -1.97 38.43 4.18
N PRO B 18 -1.64 39.16 5.24
CA PRO B 18 -2.06 38.72 6.57
C PRO B 18 -3.57 38.84 6.71
N LEU B 19 -4.11 38.17 7.73
CA LEU B 19 -5.55 38.19 7.97
C LEU B 19 -5.96 39.55 8.51
N SER B 20 -7.18 39.97 8.18
CA SER B 20 -7.68 41.26 8.63
C SER B 20 -8.88 41.11 9.56
N ILE B 21 -8.81 41.68 10.76
CA ILE B 21 -9.94 41.58 11.66
C ILE B 21 -10.99 42.58 11.20
N GLU B 22 -12.09 42.05 10.66
CA GLU B 22 -13.16 42.87 10.14
C GLU B 22 -14.49 42.64 10.86
N GLU B 23 -15.41 43.57 10.65
CA GLU B 23 -16.76 43.49 11.19
C GLU B 23 -17.51 42.82 10.05
N ILE B 24 -18.12 41.67 10.31
CA ILE B 24 -18.84 40.97 9.25
C ILE B 24 -20.29 40.70 9.64
N GLU B 25 -21.05 40.14 8.70
CA GLU B 25 -22.44 39.78 8.97
C GLU B 25 -22.56 38.29 8.72
N VAL B 26 -23.19 37.58 9.65
CA VAL B 26 -23.39 36.15 9.55
C VAL B 26 -24.88 35.87 9.50
N ALA B 27 -25.36 35.46 8.33
CA ALA B 27 -26.77 35.15 8.12
C ALA B 27 -27.23 34.01 9.02
N PRO B 28 -28.54 33.95 9.31
CA PRO B 28 -29.04 32.87 10.15
C PRO B 28 -28.96 31.54 9.39
N PRO B 29 -28.94 30.42 10.12
CA PRO B 29 -28.85 29.11 9.47
C PRO B 29 -30.09 28.77 8.62
N LYS B 30 -29.86 28.24 7.43
CA LYS B 30 -31.00 27.84 6.60
C LYS B 30 -31.28 26.39 6.94
N ALA B 31 -32.15 25.76 6.17
CA ALA B 31 -32.49 24.37 6.46
C ALA B 31 -31.25 23.49 6.53
N HIS B 32 -31.19 22.68 7.58
CA HIS B 32 -30.10 21.74 7.83
C HIS B 32 -28.73 22.39 7.95
N GLU B 33 -28.70 23.53 8.65
CA GLU B 33 -27.46 24.25 8.89
C GLU B 33 -27.43 24.56 10.37
N VAL B 34 -26.23 24.82 10.88
CA VAL B 34 -26.07 25.13 12.30
C VAL B 34 -25.14 26.33 12.46
N ARG B 35 -25.57 27.31 13.25
CA ARG B 35 -24.74 28.49 13.48
C ARG B 35 -24.05 28.25 14.82
N ILE B 36 -22.72 28.35 14.82
CA ILE B 36 -21.95 28.09 16.02
C ILE B 36 -21.15 29.28 16.52
N LYS B 37 -21.15 29.47 17.84
CA LYS B 37 -20.36 30.55 18.42
C LYS B 37 -19.01 29.88 18.69
N ILE B 38 -17.98 30.35 18.00
CA ILE B 38 -16.63 29.80 18.15
C ILE B 38 -15.99 30.35 19.41
N ILE B 39 -15.57 29.46 20.30
CA ILE B 39 -14.94 29.85 21.55
C ILE B 39 -13.43 29.87 21.43
N ALA B 40 -12.89 28.91 20.71
CA ALA B 40 -11.46 28.81 20.51
C ALA B 40 -11.17 28.20 19.16
N THR B 41 -10.07 28.65 18.56
CA THR B 41 -9.65 28.13 17.26
C THR B 41 -8.12 28.05 17.22
N ALA B 42 -7.60 27.03 16.57
CA ALA B 42 -6.16 26.86 16.42
C ALA B 42 -5.84 27.15 14.95
N VAL B 43 -4.56 27.19 14.59
CA VAL B 43 -4.14 27.45 13.22
C VAL B 43 -3.13 26.35 12.89
N CYS B 44 -3.11 25.88 11.65
CA CYS B 44 -2.15 24.84 11.29
C CYS B 44 -1.65 25.01 9.87
N HIS B 45 -0.68 24.19 9.50
CA HIS B 45 -0.11 24.36 8.19
C HIS B 45 -1.10 24.35 7.02
N THR B 46 -2.28 23.75 7.21
CA THR B 46 -3.25 23.67 6.12
C THR B 46 -3.76 25.04 5.77
N ASP B 47 -4.12 25.79 6.81
CA ASP B 47 -4.64 27.14 6.64
C ASP B 47 -3.64 28.02 5.90
N ALA B 48 -2.38 27.99 6.36
CA ALA B 48 -1.32 28.79 5.77
C ALA B 48 -1.13 28.50 4.29
N TYR B 49 -1.25 27.23 3.92
CA TYR B 49 -1.11 26.80 2.54
C TYR B 49 -2.10 27.53 1.64
N THR B 50 -3.36 27.57 2.07
CA THR B 50 -4.39 28.24 1.31
C THR B 50 -4.10 29.73 1.28
N LEU B 51 -3.69 30.28 2.43
CA LEU B 51 -3.42 31.70 2.53
C LEU B 51 -2.27 32.15 1.63
N SER B 52 -1.26 31.30 1.48
CA SER B 52 -0.08 31.61 0.68
C SER B 52 -0.43 31.91 -0.78
N GLY B 53 -1.48 31.27 -1.28
CA GLY B 53 -1.85 31.47 -2.67
C GLY B 53 -1.39 30.32 -3.54
N ALA B 54 -0.72 29.35 -2.92
CA ALA B 54 -0.23 28.18 -3.64
C ALA B 54 -1.35 27.16 -3.90
N ASP B 55 -2.34 27.13 -3.02
CA ASP B 55 -3.46 26.21 -3.15
C ASP B 55 -4.18 26.50 -4.47
N PRO B 56 -4.15 25.55 -5.42
CA PRO B 56 -4.80 25.72 -6.71
C PRO B 56 -6.31 25.82 -6.64
N GLU B 57 -6.88 25.42 -5.49
CA GLU B 57 -8.33 25.47 -5.32
C GLU B 57 -8.73 26.46 -4.23
N GLY B 58 -7.83 27.40 -3.94
CA GLY B 58 -8.11 28.40 -2.93
C GLY B 58 -8.64 29.68 -3.55
N CYS B 59 -9.76 30.18 -3.02
CA CYS B 59 -10.34 31.41 -3.55
C CYS B 59 -10.54 32.44 -2.44
N PHE B 60 -10.59 33.71 -2.83
CA PHE B 60 -10.76 34.82 -1.91
C PHE B 60 -11.89 35.74 -2.36
N PRO B 61 -12.45 36.56 -1.44
CA PRO B 61 -12.11 36.67 -0.02
C PRO B 61 -12.63 35.43 0.69
N VAL B 62 -11.97 35.04 1.79
CA VAL B 62 -12.38 33.85 2.50
C VAL B 62 -12.06 33.89 4.00
N ILE B 63 -12.87 33.19 4.78
CA ILE B 63 -12.66 33.08 6.23
C ILE B 63 -12.14 31.67 6.46
N LEU B 64 -10.86 31.57 6.81
CA LEU B 64 -10.22 30.29 7.02
C LEU B 64 -10.49 29.74 8.43
N GLY B 65 -9.75 28.68 8.80
CA GLY B 65 -9.91 28.08 10.11
C GLY B 65 -10.70 26.78 10.04
N HIS B 66 -10.12 25.70 10.53
CA HIS B 66 -10.81 24.40 10.51
C HIS B 66 -10.55 23.61 11.78
N GLU B 67 -9.94 24.26 12.77
CA GLU B 67 -9.66 23.65 14.06
C GLU B 67 -10.35 24.49 15.12
N GLY B 68 -11.61 24.20 15.39
CA GLY B 68 -12.33 24.99 16.36
C GLY B 68 -13.23 24.20 17.31
N ALA B 69 -13.75 24.90 18.31
CA ALA B 69 -14.64 24.33 19.30
C ALA B 69 -15.53 25.46 19.77
N GLY B 70 -16.83 25.18 19.92
CA GLY B 70 -17.73 26.22 20.35
C GLY B 70 -19.05 25.73 20.88
N ILE B 71 -20.05 26.59 20.76
CA ILE B 71 -21.37 26.31 21.27
C ILE B 71 -22.42 26.64 20.21
N VAL B 72 -23.38 25.75 20.04
CA VAL B 72 -24.44 25.99 19.06
C VAL B 72 -25.23 27.21 19.47
N GLU B 73 -25.31 28.19 18.56
CA GLU B 73 -26.04 29.41 18.82
C GLU B 73 -27.49 29.29 18.33
N SER B 74 -27.69 28.54 17.26
CA SER B 74 -29.03 28.33 16.71
C SER B 74 -28.95 27.33 15.56
N VAL B 75 -30.06 26.66 15.28
CA VAL B 75 -30.12 25.68 14.22
C VAL B 75 -31.20 26.03 13.18
N GLY B 76 -30.99 25.61 11.94
CA GLY B 76 -31.95 25.89 10.90
C GLY B 76 -33.09 24.89 10.87
N GLU B 77 -33.95 25.02 9.88
CA GLU B 77 -35.08 24.13 9.76
C GLU B 77 -34.68 22.66 9.57
N GLY B 78 -35.48 21.76 10.14
CA GLY B 78 -35.21 20.34 10.03
C GLY B 78 -34.13 19.75 10.93
N VAL B 79 -33.48 20.60 11.72
CA VAL B 79 -32.42 20.12 12.62
C VAL B 79 -33.00 19.72 13.97
N THR B 80 -32.86 18.45 14.35
CA THR B 80 -33.38 17.99 15.64
C THR B 80 -32.33 17.36 16.53
N LYS B 81 -31.21 16.92 15.96
CA LYS B 81 -30.15 16.30 16.76
C LYS B 81 -29.35 17.33 17.54
N LEU B 82 -29.36 18.57 17.06
CA LEU B 82 -28.61 19.63 17.70
C LEU B 82 -29.54 20.75 18.15
N LYS B 83 -29.12 21.47 19.19
CA LYS B 83 -29.91 22.57 19.72
C LYS B 83 -29.02 23.66 20.30
N ALA B 84 -29.58 24.85 20.47
CA ALA B 84 -28.84 25.97 21.04
C ALA B 84 -28.27 25.54 22.39
N GLY B 85 -26.98 25.81 22.61
CA GLY B 85 -26.38 25.44 23.87
C GLY B 85 -25.51 24.20 23.83
N ASP B 86 -25.68 23.35 22.82
CA ASP B 86 -24.85 22.16 22.74
C ASP B 86 -23.38 22.50 22.51
N THR B 87 -22.50 21.74 23.14
CA THR B 87 -21.05 21.92 23.01
C THR B 87 -20.65 21.13 21.76
N VAL B 88 -19.94 21.77 20.85
CA VAL B 88 -19.56 21.09 19.61
C VAL B 88 -18.21 21.44 18.99
N ILE B 89 -17.82 20.65 18.00
CA ILE B 89 -16.59 20.85 17.25
C ILE B 89 -16.95 20.74 15.77
N PRO B 90 -16.61 21.78 14.97
CA PRO B 90 -16.90 21.83 13.53
C PRO B 90 -16.02 20.78 12.84
N LEU B 91 -16.55 20.14 11.81
CA LEU B 91 -15.82 19.09 11.11
C LEU B 91 -15.61 19.37 9.62
N TYR B 92 -14.37 19.35 9.13
CA TYR B 92 -14.20 19.60 7.71
C TYR B 92 -14.47 18.30 6.94
N ILE B 93 -14.44 17.17 7.65
CA ILE B 93 -14.76 15.88 7.05
C ILE B 93 -16.12 15.57 7.68
N PRO B 94 -17.20 15.73 6.91
CA PRO B 94 -18.53 15.47 7.46
C PRO B 94 -18.87 13.99 7.54
N GLN B 95 -20.08 13.69 7.99
CA GLN B 95 -20.55 12.32 8.06
C GLN B 95 -22.07 12.34 7.93
N CYS B 96 -22.56 12.26 6.68
CA CYS B 96 -23.99 12.29 6.47
C CYS B 96 -24.61 10.96 6.91
N GLY B 97 -23.79 9.92 6.95
CA GLY B 97 -24.25 8.61 7.38
C GLY B 97 -25.15 7.90 6.38
N GLU B 98 -25.28 8.46 5.18
CA GLU B 98 -26.14 7.85 4.16
C GLU B 98 -25.45 7.49 2.85
N CYS B 99 -24.41 8.23 2.48
CA CYS B 99 -23.74 7.95 1.23
C CYS B 99 -22.93 6.65 1.23
N LYS B 100 -22.45 6.29 0.05
CA LYS B 100 -21.66 5.09 -0.20
C LYS B 100 -20.43 5.01 0.71
N PHE B 101 -19.79 6.15 0.93
CA PHE B 101 -18.60 6.19 1.77
C PHE B 101 -18.95 6.02 3.23
N CYS B 102 -19.97 6.74 3.69
CA CYS B 102 -20.42 6.67 5.08
C CYS B 102 -20.87 5.25 5.45
N LEU B 103 -21.50 4.60 4.47
CA LEU B 103 -22.00 3.23 4.66
C LEU B 103 -20.90 2.18 4.65
N ASN B 104 -19.73 2.54 4.10
CA ASN B 104 -18.60 1.63 4.02
C ASN B 104 -17.68 1.83 5.24
N PRO B 105 -17.49 0.78 6.04
CA PRO B 105 -16.66 0.77 7.25
C PRO B 105 -15.18 1.04 7.01
N LYS B 106 -14.73 0.92 5.78
CA LYS B 106 -13.32 1.12 5.44
C LYS B 106 -12.88 2.54 5.15
N THR B 107 -13.82 3.49 5.14
CA THR B 107 -13.49 4.88 4.84
C THR B 107 -14.33 5.84 5.67
N ASN B 108 -13.88 7.09 5.74
CA ASN B 108 -14.56 8.15 6.47
C ASN B 108 -14.76 9.34 5.55
N LEU B 109 -14.46 9.16 4.27
CA LEU B 109 -14.57 10.26 3.32
C LEU B 109 -15.96 10.54 2.76
N CYS B 110 -16.85 11.06 3.62
CA CYS B 110 -18.21 11.40 3.21
C CYS B 110 -18.12 12.36 2.02
N GLN B 111 -18.92 12.12 0.99
CA GLN B 111 -18.90 12.96 -0.21
C GLN B 111 -20.15 13.80 -0.40
N LYS B 112 -21.07 13.71 0.55
CA LYS B 112 -22.33 14.44 0.48
C LYS B 112 -22.26 15.92 0.08
N ILE B 113 -21.36 16.67 0.68
CA ILE B 113 -21.28 18.10 0.38
C ILE B 113 -19.92 18.59 -0.13
N ARG B 114 -19.08 17.65 -0.54
CA ARG B 114 -17.74 17.95 -1.04
C ARG B 114 -17.67 19.06 -2.10
N VAL B 115 -18.51 18.96 -3.12
CA VAL B 115 -18.55 19.94 -4.22
C VAL B 115 -18.72 21.36 -3.71
N THR B 116 -19.83 21.64 -3.04
CA THR B 116 -20.09 22.98 -2.52
C THR B 116 -19.02 23.41 -1.52
N GLN B 117 -18.62 22.52 -0.63
CA GLN B 117 -17.60 22.85 0.36
C GLN B 117 -16.29 23.27 -0.29
N GLY B 118 -15.93 22.60 -1.37
CA GLY B 118 -14.71 22.93 -2.08
C GLY B 118 -14.79 24.33 -2.68
N LYS B 119 -16.02 24.80 -2.94
CA LYS B 119 -16.26 26.13 -3.49
C LYS B 119 -16.44 27.16 -2.38
N GLY B 120 -16.30 26.72 -1.14
CA GLY B 120 -16.46 27.63 -0.02
C GLY B 120 -17.91 28.09 0.11
N LEU B 121 -18.84 27.16 -0.13
CA LEU B 121 -20.27 27.46 -0.04
C LEU B 121 -21.02 26.41 0.80
N MET B 122 -22.19 26.80 1.32
CA MET B 122 -23.02 25.88 2.09
C MET B 122 -23.62 24.92 1.06
N PRO B 123 -24.27 23.84 1.51
CA PRO B 123 -24.88 22.86 0.60
C PRO B 123 -25.83 23.46 -0.43
N ASP B 124 -26.54 24.54 -0.07
CA ASP B 124 -27.48 25.15 -1.01
C ASP B 124 -26.82 26.02 -2.08
N GLY B 125 -25.49 26.06 -2.07
CA GLY B 125 -24.76 26.83 -3.07
C GLY B 125 -24.48 28.31 -2.78
N THR B 126 -24.75 28.76 -1.56
CA THR B 126 -24.51 30.16 -1.19
C THR B 126 -23.67 30.26 0.09
N SER B 127 -23.12 31.45 0.32
CA SER B 127 -22.32 31.74 1.50
C SER B 127 -23.15 32.49 2.53
N ARG B 128 -22.88 32.26 3.81
CA ARG B 128 -23.60 32.94 4.87
C ARG B 128 -22.81 34.14 5.36
N PHE B 129 -21.66 34.39 4.73
CA PHE B 129 -20.81 35.50 5.14
C PHE B 129 -20.78 36.69 4.18
N THR B 130 -20.79 37.89 4.76
CA THR B 130 -20.70 39.13 3.98
C THR B 130 -19.85 40.10 4.80
N CYS B 131 -19.19 41.03 4.12
CA CYS B 131 -18.34 42.02 4.77
C CYS B 131 -18.12 43.19 3.83
N LYS B 132 -18.48 44.39 4.29
CA LYS B 132 -18.35 45.60 3.49
C LYS B 132 -18.98 45.42 2.12
N GLY B 133 -20.18 44.84 2.12
CA GLY B 133 -20.91 44.63 0.88
C GLY B 133 -20.44 43.50 -0.01
N LYS B 134 -19.42 42.76 0.42
CA LYS B 134 -18.92 41.66 -0.39
C LYS B 134 -19.19 40.30 0.23
N THR B 135 -19.38 39.31 -0.64
CA THR B 135 -19.61 37.93 -0.21
C THR B 135 -18.25 37.40 0.23
N ILE B 136 -18.20 36.70 1.36
CA ILE B 136 -16.95 36.13 1.85
C ILE B 136 -17.14 34.62 1.83
N LEU B 137 -16.18 33.89 1.29
CA LEU B 137 -16.31 32.43 1.21
C LEU B 137 -16.05 31.67 2.51
N HIS B 138 -16.65 30.49 2.60
CA HIS B 138 -16.49 29.58 3.73
C HIS B 138 -15.20 28.81 3.42
N TYR B 139 -14.64 28.14 4.42
CA TYR B 139 -13.41 27.38 4.23
C TYR B 139 -13.50 26.02 4.92
N MET B 140 -13.22 24.98 4.15
CA MET B 140 -13.26 23.60 4.64
C MET B 140 -14.54 23.27 5.40
N GLY B 141 -15.61 23.97 5.03
CA GLY B 141 -16.91 23.77 5.64
C GLY B 141 -17.00 24.19 7.10
N THR B 142 -15.96 24.86 7.60
CA THR B 142 -15.93 25.25 8.99
C THR B 142 -15.73 26.74 9.30
N SER B 143 -14.78 27.37 8.62
CA SER B 143 -14.50 28.80 8.83
C SER B 143 -14.48 29.17 10.31
N THR B 144 -13.54 28.59 11.07
CA THR B 144 -13.47 28.85 12.51
C THR B 144 -12.82 30.18 12.92
N PHE B 145 -12.31 30.94 11.96
CA PHE B 145 -11.68 32.23 12.26
C PHE B 145 -12.73 33.34 12.34
N SER B 146 -13.83 33.05 13.03
CA SER B 146 -14.94 33.99 13.18
C SER B 146 -15.65 33.78 14.52
N GLU B 147 -16.19 34.85 15.09
CA GLU B 147 -16.89 34.72 16.36
C GLU B 147 -18.10 33.80 16.17
N TYR B 148 -18.65 33.81 14.95
CA TYR B 148 -19.79 32.98 14.61
C TYR B 148 -19.63 32.42 13.19
N THR B 149 -19.89 31.13 13.04
CA THR B 149 -19.81 30.50 11.73
C THR B 149 -21.07 29.67 11.50
N VAL B 150 -21.33 29.34 10.24
CA VAL B 150 -22.48 28.51 9.90
C VAL B 150 -21.93 27.32 9.12
N VAL B 151 -22.32 26.12 9.54
CA VAL B 151 -21.85 24.89 8.91
C VAL B 151 -23.03 23.99 8.55
N ALA B 152 -22.78 23.01 7.69
CA ALA B 152 -23.82 22.07 7.32
C ALA B 152 -24.08 21.27 8.60
N ASP B 153 -25.32 20.83 8.80
CA ASP B 153 -25.64 20.08 10.02
C ASP B 153 -24.92 18.74 10.11
N ILE B 154 -24.37 18.26 9.00
CA ILE B 154 -23.65 16.99 9.01
C ILE B 154 -22.16 17.20 9.28
N SER B 155 -21.77 18.46 9.50
CA SER B 155 -20.38 18.83 9.77
C SER B 155 -20.22 19.19 11.25
N VAL B 156 -21.02 18.57 12.11
CA VAL B 156 -20.98 18.89 13.54
C VAL B 156 -20.89 17.68 14.46
N ALA B 157 -19.97 17.76 15.43
CA ALA B 157 -19.82 16.71 16.42
C ALA B 157 -20.25 17.29 17.75
N LYS B 158 -21.24 16.66 18.38
CA LYS B 158 -21.72 17.11 19.68
C LYS B 158 -20.83 16.43 20.71
N ILE B 159 -20.20 17.22 21.56
CA ILE B 159 -19.28 16.66 22.54
C ILE B 159 -19.65 16.90 24.01
N ASP B 160 -18.83 16.32 24.89
CA ASP B 160 -18.99 16.43 26.34
C ASP B 160 -19.05 17.90 26.76
N PRO B 161 -20.16 18.31 27.39
CA PRO B 161 -20.39 19.69 27.85
C PRO B 161 -19.33 20.19 28.84
N LEU B 162 -18.55 19.28 29.40
CA LEU B 162 -17.51 19.66 30.36
C LEU B 162 -16.14 19.83 29.74
N ALA B 163 -16.00 19.50 28.46
CA ALA B 163 -14.71 19.63 27.79
C ALA B 163 -14.21 21.06 27.66
N PRO B 164 -12.92 21.29 27.97
CA PRO B 164 -12.38 22.66 27.86
C PRO B 164 -12.17 22.94 26.37
N LEU B 165 -12.95 23.88 25.83
CA LEU B 165 -12.88 24.21 24.41
C LEU B 165 -11.56 24.78 23.94
N ASP B 166 -10.84 25.49 24.80
CA ASP B 166 -9.56 26.06 24.42
C ASP B 166 -8.53 24.93 24.29
N LYS B 167 -9.02 23.70 24.42
CA LYS B 167 -8.16 22.53 24.30
C LYS B 167 -8.65 21.58 23.19
N VAL B 168 -9.86 21.05 23.34
CA VAL B 168 -10.39 20.10 22.36
C VAL B 168 -10.55 20.61 20.94
N CYS B 169 -10.40 21.91 20.75
CA CYS B 169 -10.49 22.46 19.39
C CYS B 169 -9.43 21.79 18.52
N LEU B 170 -8.35 21.33 19.15
CA LEU B 170 -7.26 20.68 18.43
C LEU B 170 -7.64 19.28 17.91
N LEU B 171 -8.73 18.73 18.42
CA LEU B 171 -9.17 17.41 17.97
C LEU B 171 -9.87 17.58 16.63
N GLY B 172 -9.96 18.83 16.19
CA GLY B 172 -10.59 19.13 14.92
C GLY B 172 -9.66 18.81 13.76
N CYS B 173 -8.38 18.52 14.05
CA CYS B 173 -7.47 18.17 12.97
C CYS B 173 -6.19 17.37 13.28
N GLY B 174 -5.10 18.03 13.66
CA GLY B 174 -3.84 17.35 13.93
C GLY B 174 -3.80 16.14 14.85
N ILE B 175 -4.30 16.29 16.07
CA ILE B 175 -4.28 15.19 17.02
C ILE B 175 -5.06 13.97 16.53
N SER B 176 -6.30 14.19 16.12
CA SER B 176 -7.14 13.09 15.64
C SER B 176 -6.52 12.39 14.44
N THR B 177 -5.94 13.18 13.54
CA THR B 177 -5.31 12.63 12.34
C THR B 177 -4.12 11.71 12.68
N GLY B 178 -3.16 12.23 13.43
CA GLY B 178 -2.00 11.43 13.78
C GLY B 178 -2.34 10.20 14.60
N TYR B 179 -3.22 10.39 15.57
CA TYR B 179 -3.64 9.30 16.44
C TYR B 179 -4.34 8.20 15.62
N GLY B 180 -5.24 8.60 14.75
CA GLY B 180 -5.96 7.64 13.92
C GLY B 180 -5.05 6.93 12.93
N ALA B 181 -4.06 7.65 12.40
CA ALA B 181 -3.12 7.06 11.45
C ALA B 181 -2.49 5.81 12.05
N ALA B 182 -2.21 5.86 13.36
CA ALA B 182 -1.61 4.73 14.02
C ALA B 182 -2.59 3.61 14.36
N VAL B 183 -3.72 3.96 14.98
CA VAL B 183 -4.69 2.96 15.39
C VAL B 183 -5.77 2.54 14.39
N ASN B 184 -6.02 3.37 13.38
CA ASN B 184 -7.05 3.01 12.39
C ASN B 184 -6.47 2.56 11.06
N THR B 185 -5.52 3.34 10.53
CA THR B 185 -4.91 3.02 9.24
C THR B 185 -3.86 1.94 9.36
N ALA B 186 -2.90 2.14 10.24
CA ALA B 186 -1.83 1.16 10.43
C ALA B 186 -2.31 -0.02 11.27
N LYS B 187 -3.06 0.26 12.32
CA LYS B 187 -3.53 -0.78 13.24
C LYS B 187 -2.32 -1.61 13.68
N LEU B 188 -1.27 -0.93 14.11
CA LEU B 188 -0.05 -1.62 14.53
C LEU B 188 -0.31 -2.50 15.74
N GLU B 189 0.40 -3.63 15.79
CA GLU B 189 0.25 -4.59 16.87
C GLU B 189 1.22 -4.28 18.01
N PRO B 190 0.89 -4.72 19.24
CA PRO B 190 1.81 -4.43 20.34
C PRO B 190 3.19 -5.04 20.07
N GLY B 191 4.24 -4.30 20.43
CA GLY B 191 5.59 -4.75 20.21
C GLY B 191 6.18 -4.26 18.90
N SER B 192 5.35 -3.65 18.05
CA SER B 192 5.81 -3.13 16.75
C SER B 192 6.92 -2.10 16.82
N VAL B 193 7.76 -2.09 15.80
CA VAL B 193 8.87 -1.13 15.69
C VAL B 193 8.39 -0.05 14.71
N CYS B 194 8.33 1.19 15.16
CA CYS B 194 7.85 2.30 14.33
C CYS B 194 8.83 3.44 14.16
N ALA B 195 8.62 4.18 13.07
CA ALA B 195 9.43 5.35 12.74
C ALA B 195 8.43 6.43 12.34
N VAL B 196 8.62 7.63 12.87
CA VAL B 196 7.73 8.74 12.58
C VAL B 196 8.53 9.92 12.01
N PHE B 197 8.27 10.24 10.75
CA PHE B 197 8.96 11.32 10.07
C PHE B 197 8.16 12.62 10.20
N GLY B 198 8.74 13.59 10.88
CA GLY B 198 8.06 14.87 11.09
C GLY B 198 7.54 14.83 12.51
N LEU B 199 8.05 15.71 13.36
CA LEU B 199 7.64 15.72 14.74
C LEU B 199 6.83 16.94 15.16
N GLY B 200 5.87 17.31 14.30
CA GLY B 200 4.99 18.42 14.61
C GLY B 200 3.78 17.84 15.33
N GLY B 201 2.69 18.60 15.41
CA GLY B 201 1.50 18.09 16.08
C GLY B 201 1.04 16.76 15.52
N VAL B 202 1.12 16.58 14.20
CA VAL B 202 0.68 15.35 13.58
C VAL B 202 1.59 14.17 13.97
N GLY B 203 2.90 14.38 13.86
CA GLY B 203 3.84 13.33 14.22
C GLY B 203 3.75 12.96 15.69
N LEU B 204 3.55 13.97 16.54
CA LEU B 204 3.44 13.71 17.97
C LEU B 204 2.19 12.86 18.27
N ALA B 205 1.11 13.13 17.55
CA ALA B 205 -0.13 12.39 17.73
C ALA B 205 0.06 10.94 17.28
N VAL B 206 0.87 10.75 16.24
CA VAL B 206 1.15 9.41 15.74
C VAL B 206 1.89 8.65 16.85
N ILE B 207 2.91 9.28 17.41
CA ILE B 207 3.71 8.69 18.48
C ILE B 207 2.78 8.32 19.63
N MET B 208 1.89 9.24 19.98
CA MET B 208 0.94 9.02 21.05
C MET B 208 0.12 7.76 20.74
N GLY B 209 -0.27 7.63 19.47
CA GLY B 209 -1.05 6.47 19.05
C GLY B 209 -0.22 5.20 19.09
N CYS B 210 1.02 5.28 18.65
CA CYS B 210 1.90 4.11 18.67
C CYS B 210 2.08 3.64 20.11
N LYS B 211 2.20 4.58 21.04
CA LYS B 211 2.37 4.23 22.45
C LYS B 211 1.11 3.56 22.99
N VAL B 212 -0.05 4.10 22.62
CA VAL B 212 -1.31 3.53 23.08
C VAL B 212 -1.44 2.10 22.54
N ALA B 213 -0.94 1.86 21.33
CA ALA B 213 -1.01 0.54 20.72
C ALA B 213 0.06 -0.42 21.27
N GLY B 214 0.93 0.10 22.11
CA GLY B 214 1.96 -0.73 22.71
C GLY B 214 3.19 -1.00 21.88
N ALA B 215 3.61 -0.04 21.06
CA ALA B 215 4.80 -0.22 20.23
C ALA B 215 6.02 -0.43 21.12
N SER B 216 6.95 -1.25 20.68
CA SER B 216 8.16 -1.51 21.45
C SER B 216 9.20 -0.42 21.21
N ARG B 217 9.27 0.06 19.98
CA ARG B 217 10.22 1.12 19.63
C ARG B 217 9.55 2.15 18.76
N ILE B 218 9.76 3.43 19.09
CA ILE B 218 9.19 4.52 18.32
C ILE B 218 10.34 5.49 18.02
N ILE B 219 10.78 5.49 16.77
CA ILE B 219 11.89 6.34 16.37
C ILE B 219 11.39 7.62 15.70
N GLY B 220 11.64 8.76 16.33
CA GLY B 220 11.23 10.04 15.78
C GLY B 220 12.29 10.57 14.85
N VAL B 221 11.85 11.21 13.76
CA VAL B 221 12.78 11.76 12.78
C VAL B 221 12.37 13.20 12.43
N ASP B 222 13.31 14.13 12.58
CA ASP B 222 13.06 15.53 12.27
C ASP B 222 14.38 16.25 12.06
N ILE B 223 14.42 17.19 11.11
CA ILE B 223 15.64 17.93 10.84
C ILE B 223 15.81 19.05 11.87
N ASN B 224 14.81 19.23 12.73
CA ASN B 224 14.87 20.26 13.77
C ASN B 224 14.93 19.55 15.12
N LYS B 225 16.13 19.45 15.67
CA LYS B 225 16.30 18.75 16.95
C LYS B 225 15.55 19.35 18.12
N ASP B 226 15.03 20.56 17.98
CA ASP B 226 14.28 21.16 19.09
C ASP B 226 12.96 20.43 19.31
N LYS B 227 12.55 19.65 18.31
CA LYS B 227 11.31 18.88 18.40
C LYS B 227 11.49 17.59 19.20
N PHE B 228 12.74 17.16 19.38
CA PHE B 228 13.01 15.90 20.08
C PHE B 228 12.51 15.77 21.51
N ALA B 229 12.80 16.75 22.35
CA ALA B 229 12.38 16.68 23.76
C ALA B 229 10.90 16.33 23.92
N ARG B 230 10.03 17.08 23.25
CA ARG B 230 8.60 16.82 23.36
C ARG B 230 8.23 15.46 22.77
N ALA B 231 8.93 15.06 21.70
CA ALA B 231 8.66 13.77 21.07
C ALA B 231 8.92 12.63 22.06
N LYS B 232 9.99 12.75 22.83
CA LYS B 232 10.29 11.71 23.82
C LYS B 232 9.27 11.70 24.94
N GLU B 233 8.75 12.88 25.29
CA GLU B 233 7.74 12.95 26.34
C GLU B 233 6.51 12.19 25.88
N PHE B 234 6.24 12.24 24.57
CA PHE B 234 5.09 11.55 24.01
C PHE B 234 5.30 10.06 23.86
N GLY B 235 6.55 9.61 23.99
CA GLY B 235 6.81 8.18 23.88
C GLY B 235 7.89 7.73 22.92
N ALA B 236 8.50 8.66 22.18
CA ALA B 236 9.55 8.28 21.24
C ALA B 236 10.69 7.66 22.05
N THR B 237 11.13 6.47 21.64
CA THR B 237 12.22 5.79 22.34
C THR B 237 13.56 6.42 21.97
N GLU B 238 13.61 7.11 20.83
CA GLU B 238 14.82 7.78 20.38
C GLU B 238 14.49 8.67 19.18
N CYS B 239 15.31 9.70 18.97
CA CYS B 239 15.10 10.64 17.87
C CYS B 239 16.36 10.82 17.06
N ILE B 240 16.20 10.91 15.75
CA ILE B 240 17.35 11.08 14.90
C ILE B 240 17.12 12.20 13.90
N ASN B 241 18.20 12.89 13.58
CA ASN B 241 18.18 14.00 12.65
C ASN B 241 18.87 13.55 11.37
N PRO B 242 18.11 13.43 10.27
CA PRO B 242 18.68 13.00 9.00
C PRO B 242 19.94 13.78 8.58
N GLN B 243 20.04 15.03 9.05
CA GLN B 243 21.18 15.86 8.74
C GLN B 243 22.46 15.37 9.42
N ASP B 244 22.32 14.52 10.44
CA ASP B 244 23.49 13.99 11.16
C ASP B 244 24.11 12.78 10.47
N PHE B 245 23.50 12.31 9.38
CA PHE B 245 24.04 11.15 8.67
C PHE B 245 24.33 11.49 7.22
N SER B 246 25.31 10.81 6.65
CA SER B 246 25.69 11.05 5.26
C SER B 246 24.93 10.15 4.30
N LYS B 247 24.40 9.03 4.80
CA LYS B 247 23.65 8.15 3.92
C LYS B 247 22.15 8.42 4.03
N PRO B 248 21.37 7.98 3.03
CA PRO B 248 19.91 8.18 3.01
C PRO B 248 19.30 7.75 4.33
N ILE B 249 18.34 8.51 4.81
CA ILE B 249 17.69 8.20 6.09
C ILE B 249 17.12 6.77 6.15
N GLN B 250 16.63 6.25 5.02
CA GLN B 250 16.08 4.89 5.03
C GLN B 250 17.16 3.86 5.35
N GLU B 251 18.39 4.11 4.91
CA GLU B 251 19.49 3.19 5.19
C GLU B 251 19.83 3.22 6.67
N VAL B 252 19.81 4.43 7.23
CA VAL B 252 20.10 4.60 8.65
C VAL B 252 19.09 3.81 9.47
N LEU B 253 17.81 3.97 9.13
CA LEU B 253 16.75 3.26 9.86
C LEU B 253 16.86 1.75 9.70
N ILE B 254 17.15 1.28 8.49
CA ILE B 254 17.27 -0.15 8.26
C ILE B 254 18.39 -0.70 9.13
N GLU B 255 19.50 0.03 9.17
CA GLU B 255 20.65 -0.36 9.95
C GLU B 255 20.35 -0.42 11.45
N MET B 256 19.60 0.55 11.96
CA MET B 256 19.32 0.55 13.39
C MET B 256 18.19 -0.37 13.83
N THR B 257 17.50 -1.00 12.89
CA THR B 257 16.41 -1.89 13.21
C THR B 257 16.59 -3.30 12.63
N ASP B 258 17.78 -3.58 12.12
CA ASP B 258 18.08 -4.89 11.55
C ASP B 258 17.09 -5.28 10.43
N GLY B 259 16.92 -4.41 9.43
CA GLY B 259 16.02 -4.72 8.33
C GLY B 259 15.01 -3.63 8.00
N GLY B 260 14.64 -2.82 8.98
CA GLY B 260 13.67 -1.76 8.75
C GLY B 260 12.56 -1.81 9.79
N VAL B 261 11.75 -0.76 9.84
CA VAL B 261 10.64 -0.69 10.80
C VAL B 261 9.42 -1.48 10.34
N ASP B 262 8.55 -1.84 11.28
CA ASP B 262 7.33 -2.57 10.96
C ASP B 262 6.34 -1.55 10.37
N TYR B 263 6.36 -0.34 10.92
CA TYR B 263 5.47 0.72 10.46
C TYR B 263 6.16 2.09 10.46
N SER B 264 5.95 2.86 9.40
CA SER B 264 6.53 4.18 9.33
C SER B 264 5.41 5.17 8.97
N PHE B 265 5.54 6.40 9.41
CA PHE B 265 4.54 7.43 9.13
C PHE B 265 5.20 8.70 8.65
N GLU B 266 4.83 9.18 7.48
CA GLU B 266 5.39 10.42 6.96
C GLU B 266 4.39 11.52 7.34
N CYS B 267 4.83 12.41 8.21
CA CYS B 267 3.99 13.51 8.69
C CYS B 267 4.61 14.86 8.35
N ILE B 268 5.03 15.00 7.10
CA ILE B 268 5.67 16.23 6.64
C ILE B 268 5.03 16.79 5.36
N GLY B 269 4.87 15.92 4.35
CA GLY B 269 4.30 16.35 3.09
C GLY B 269 5.42 16.53 2.07
N ASN B 270 6.51 15.78 2.27
CA ASN B 270 7.71 15.82 1.40
C ASN B 270 7.77 14.48 0.64
N VAL B 271 7.58 14.50 -0.68
CA VAL B 271 7.58 13.26 -1.46
C VAL B 271 8.87 12.45 -1.38
N LYS B 272 10.00 13.13 -1.17
CA LYS B 272 11.26 12.40 -1.06
C LYS B 272 11.30 11.63 0.24
N VAL B 273 10.78 12.25 1.30
CA VAL B 273 10.76 11.59 2.60
C VAL B 273 9.73 10.46 2.57
N MET B 274 8.66 10.66 1.82
CA MET B 274 7.63 9.63 1.73
C MET B 274 8.26 8.35 1.16
N ARG B 275 9.10 8.52 0.15
CA ARG B 275 9.78 7.38 -0.44
C ARG B 275 10.69 6.74 0.60
N ALA B 276 11.50 7.58 1.26
CA ALA B 276 12.42 7.09 2.27
C ALA B 276 11.65 6.35 3.36
N ALA B 277 10.50 6.90 3.74
CA ALA B 277 9.67 6.28 4.77
C ALA B 277 9.21 4.88 4.32
N LEU B 278 8.86 4.73 3.05
CA LEU B 278 8.43 3.43 2.54
C LEU B 278 9.61 2.47 2.54
N GLU B 279 10.73 2.91 1.99
CA GLU B 279 11.93 2.07 1.92
C GLU B 279 12.57 1.79 3.27
N ALA B 280 12.21 2.58 4.28
CA ALA B 280 12.74 2.36 5.62
C ALA B 280 11.98 1.21 6.27
N CYS B 281 10.90 0.77 5.62
CA CYS B 281 10.10 -0.32 6.15
C CYS B 281 10.74 -1.68 5.89
N HIS B 282 10.58 -2.57 6.86
CA HIS B 282 11.12 -3.92 6.81
C HIS B 282 10.57 -4.72 5.64
N LYS B 283 11.46 -5.47 5.01
CA LYS B 283 11.08 -6.30 3.88
C LYS B 283 10.05 -7.34 4.35
N GLY B 284 9.15 -7.72 3.44
CA GLY B 284 8.15 -8.73 3.77
C GLY B 284 6.87 -8.31 4.47
N TRP B 285 6.95 -7.37 5.40
CA TRP B 285 5.74 -6.97 6.12
C TRP B 285 5.66 -5.49 6.50
N GLY B 286 6.68 -4.73 6.14
CA GLY B 286 6.69 -3.31 6.47
C GLY B 286 5.51 -2.56 5.85
N VAL B 287 4.96 -1.61 6.59
CA VAL B 287 3.84 -0.80 6.13
C VAL B 287 4.14 0.68 6.39
N SER B 288 4.00 1.50 5.37
CA SER B 288 4.23 2.93 5.52
C SER B 288 2.95 3.72 5.23
N VAL B 289 2.61 4.63 6.12
CA VAL B 289 1.40 5.44 5.97
C VAL B 289 1.75 6.89 5.68
N VAL B 290 1.25 7.41 4.56
CA VAL B 290 1.50 8.80 4.22
C VAL B 290 0.44 9.65 4.90
N VAL B 291 0.88 10.55 5.78
CA VAL B 291 -0.04 11.42 6.50
C VAL B 291 0.14 12.85 6.00
N GLY B 292 1.38 13.19 5.63
CA GLY B 292 1.66 14.53 5.14
C GLY B 292 1.01 14.79 3.79
N VAL B 293 0.65 16.06 3.55
CA VAL B 293 0.01 16.47 2.30
C VAL B 293 1.04 17.21 1.44
N ALA B 294 1.51 16.54 0.40
CA ALA B 294 2.51 17.13 -0.49
C ALA B 294 1.91 18.20 -1.39
N ALA B 295 2.75 19.12 -1.84
CA ALA B 295 2.32 20.20 -2.74
C ALA B 295 1.73 19.58 -4.00
N SER B 296 0.64 20.15 -4.50
CA SER B 296 -0.01 19.62 -5.69
C SER B 296 0.98 19.49 -6.85
N GLY B 297 0.84 18.41 -7.61
CA GLY B 297 1.74 18.19 -8.72
C GLY B 297 2.90 17.28 -8.38
N GLU B 298 3.35 17.32 -7.12
CA GLU B 298 4.45 16.47 -6.67
C GLU B 298 4.02 15.02 -6.75
N GLU B 299 4.98 14.12 -6.94
CA GLU B 299 4.65 12.71 -7.02
C GLU B 299 5.60 11.89 -6.16
N ILE B 300 5.11 10.75 -5.68
CA ILE B 300 5.93 9.85 -4.88
C ILE B 300 6.38 8.77 -5.85
N ALA B 301 7.52 8.15 -5.57
CA ALA B 301 8.03 7.12 -6.45
C ALA B 301 8.90 6.14 -5.69
N THR B 302 9.13 4.99 -6.33
CA THR B 302 9.98 3.95 -5.78
C THR B 302 10.01 2.84 -6.83
N ARG B 303 10.82 1.82 -6.59
CA ARG B 303 10.90 0.70 -7.50
C ARG B 303 9.90 -0.35 -7.01
N PRO B 304 9.04 -0.86 -7.92
CA PRO B 304 8.02 -1.86 -7.60
C PRO B 304 8.56 -3.04 -6.78
N PHE B 305 9.87 -3.28 -6.90
CA PHE B 305 10.56 -4.33 -6.15
C PHE B 305 10.23 -4.19 -4.66
N GLN B 306 10.18 -2.94 -4.19
CA GLN B 306 9.89 -2.66 -2.78
C GLN B 306 8.55 -3.22 -2.33
N LEU B 307 7.56 -3.18 -3.22
CA LEU B 307 6.22 -3.68 -2.92
C LEU B 307 6.15 -5.18 -3.14
N VAL B 308 6.77 -5.63 -4.22
CA VAL B 308 6.78 -7.05 -4.55
C VAL B 308 7.43 -7.84 -3.42
N THR B 309 8.42 -7.24 -2.74
CA THR B 309 9.08 -7.92 -1.64
C THR B 309 8.41 -7.69 -0.27
N GLY B 310 7.11 -7.37 -0.28
CA GLY B 310 6.38 -7.23 0.96
C GLY B 310 6.00 -5.92 1.61
N ARG B 311 6.50 -4.79 1.11
CA ARG B 311 6.13 -3.51 1.73
C ARG B 311 4.79 -3.01 1.19
N THR B 312 4.06 -2.28 2.02
CA THR B 312 2.75 -1.75 1.65
C THR B 312 2.70 -0.24 1.84
N TRP B 313 2.15 0.48 0.86
CA TRP B 313 2.04 1.93 0.93
C TRP B 313 0.59 2.34 1.17
N LYS B 314 0.36 3.07 2.26
CA LYS B 314 -0.98 3.52 2.64
C LYS B 314 -1.01 5.02 2.86
N GLY B 315 -2.22 5.55 3.02
CA GLY B 315 -2.40 6.96 3.27
C GLY B 315 -3.54 7.11 4.25
N THR B 316 -3.80 8.33 4.71
CA THR B 316 -4.89 8.54 5.65
C THR B 316 -5.41 9.96 5.61
N ALA B 317 -6.69 10.12 5.89
CA ALA B 317 -7.32 11.42 5.91
C ALA B 317 -8.06 11.52 7.23
N PHE B 318 -7.68 12.53 8.02
CA PHE B 318 -8.27 12.74 9.33
C PHE B 318 -8.24 11.45 10.16
N GLY B 319 -7.11 10.75 10.09
CA GLY B 319 -6.93 9.51 10.85
C GLY B 319 -7.93 8.41 10.60
N GLY B 320 -8.70 8.51 9.52
CA GLY B 320 -9.68 7.49 9.21
C GLY B 320 -10.90 7.47 10.11
N TRP B 321 -11.07 8.52 10.91
CA TRP B 321 -12.20 8.59 11.83
C TRP B 321 -13.50 9.02 11.16
N LYS B 322 -14.57 8.25 11.32
CA LYS B 322 -15.85 8.71 10.78
C LYS B 322 -16.12 9.83 11.80
N SER B 323 -15.91 11.06 11.34
CA SER B 323 -16.03 12.28 12.13
C SER B 323 -17.11 12.45 13.19
N VAL B 324 -18.36 12.46 12.76
CA VAL B 324 -19.48 12.68 13.68
C VAL B 324 -19.54 11.74 14.86
N GLU B 325 -19.34 10.45 14.61
CA GLU B 325 -19.39 9.46 15.70
C GLU B 325 -18.07 9.31 16.45
N SER B 326 -16.96 9.64 15.80
CA SER B 326 -15.64 9.47 16.43
C SER B 326 -15.16 10.61 17.32
N VAL B 327 -15.24 11.84 16.83
CA VAL B 327 -14.75 12.98 17.58
C VAL B 327 -15.25 13.02 19.02
N PRO B 328 -16.55 12.74 19.26
CA PRO B 328 -17.05 12.77 20.64
C PRO B 328 -16.32 11.73 21.49
N LYS B 329 -16.07 10.56 20.91
CA LYS B 329 -15.37 9.50 21.62
C LYS B 329 -13.92 9.90 21.90
N LEU B 330 -13.33 10.66 20.97
CA LEU B 330 -11.96 11.12 21.17
C LEU B 330 -11.93 12.14 22.30
N VAL B 331 -12.95 12.98 22.39
CA VAL B 331 -13.02 13.96 23.47
C VAL B 331 -13.12 13.20 24.81
N SER B 332 -13.89 12.12 24.81
CA SER B 332 -14.04 11.31 26.02
C SER B 332 -12.73 10.61 26.40
N GLU B 333 -11.96 10.17 25.39
CA GLU B 333 -10.68 9.53 25.67
C GLU B 333 -9.75 10.57 26.32
N TYR B 334 -9.90 11.82 25.91
CA TYR B 334 -9.11 12.91 26.47
C TYR B 334 -9.56 13.18 27.91
N MET B 335 -10.87 13.25 28.11
CA MET B 335 -11.45 13.50 29.43
C MET B 335 -11.06 12.39 30.42
N SER B 336 -10.96 11.16 29.95
CA SER B 336 -10.60 10.05 30.82
C SER B 336 -9.09 9.86 30.91
N LYS B 337 -8.36 10.76 30.25
CA LYS B 337 -6.91 10.76 30.22
C LYS B 337 -6.25 9.62 29.45
N LYS B 338 -6.99 9.03 28.52
CA LYS B 338 -6.45 7.96 27.70
C LYS B 338 -5.49 8.57 26.68
N ILE B 339 -5.84 9.76 26.17
CA ILE B 339 -4.98 10.45 25.20
C ILE B 339 -4.68 11.85 25.72
N LYS B 340 -3.69 12.49 25.11
CA LYS B 340 -3.29 13.84 25.49
C LYS B 340 -3.79 14.89 24.49
N VAL B 341 -4.02 16.10 25.00
CA VAL B 341 -4.45 17.21 24.17
C VAL B 341 -3.69 18.46 24.63
N ASP B 342 -3.78 18.74 25.93
CA ASP B 342 -3.12 19.90 26.52
C ASP B 342 -1.66 20.03 26.11
N GLU B 343 -0.95 18.90 26.05
CA GLU B 343 0.45 18.88 25.69
C GLU B 343 0.79 19.36 24.28
N PHE B 344 -0.22 19.48 23.43
CA PHE B 344 0.00 19.95 22.05
C PHE B 344 0.00 21.49 21.98
N VAL B 345 -0.55 22.14 23.00
CA VAL B 345 -0.64 23.59 23.00
C VAL B 345 0.67 24.24 23.43
N THR B 346 1.33 24.93 22.50
CA THR B 346 2.59 25.59 22.80
C THR B 346 2.45 27.10 22.95
N HIS B 347 1.40 27.68 22.39
CA HIS B 347 1.18 29.12 22.52
C HIS B 347 -0.29 29.48 22.56
N ASN B 348 -0.59 30.62 23.18
CA ASN B 348 -1.95 31.12 23.31
C ASN B 348 -2.00 32.58 22.89
N LEU B 349 -3.02 32.96 22.12
CA LEU B 349 -3.16 34.34 21.64
C LEU B 349 -4.62 34.79 21.66
N SER B 350 -4.82 36.11 21.56
CA SER B 350 -6.15 36.70 21.52
C SER B 350 -6.50 36.77 20.05
N PHE B 351 -7.79 36.91 19.72
CA PHE B 351 -8.22 36.97 18.33
C PHE B 351 -7.49 38.05 17.54
N ASP B 352 -7.36 39.25 18.10
CA ASP B 352 -6.69 40.31 17.36
C ASP B 352 -5.27 39.98 16.99
N GLU B 353 -4.63 39.08 17.75
CA GLU B 353 -3.26 38.69 17.45
C GLU B 353 -3.16 37.44 16.60
N ILE B 354 -4.25 37.00 15.98
CA ILE B 354 -4.21 35.77 15.18
C ILE B 354 -3.03 35.61 14.21
N ASN B 355 -2.63 36.67 13.50
CA ASN B 355 -1.52 36.54 12.54
C ASN B 355 -0.21 36.04 13.15
N LYS B 356 -0.01 36.28 14.44
CA LYS B 356 1.20 35.82 15.10
C LYS B 356 1.30 34.30 15.11
N ALA B 357 0.17 33.61 14.95
CA ALA B 357 0.16 32.16 14.91
C ALA B 357 0.88 31.69 13.66
N PHE B 358 0.70 32.42 12.56
CA PHE B 358 1.35 32.08 11.30
C PHE B 358 2.84 32.32 11.41
N GLU B 359 3.23 33.38 12.11
CA GLU B 359 4.64 33.68 12.29
C GLU B 359 5.28 32.60 13.17
N LEU B 360 4.61 32.24 14.25
CA LEU B 360 5.13 31.21 15.14
C LEU B 360 5.29 29.92 14.35
N MET B 361 4.29 29.62 13.54
CA MET B 361 4.29 28.43 12.72
C MET B 361 5.52 28.37 11.82
N HIS B 362 5.74 29.44 11.05
CA HIS B 362 6.88 29.49 10.13
C HIS B 362 8.24 29.58 10.81
N SER B 363 8.27 30.03 12.06
CA SER B 363 9.54 30.13 12.77
C SER B 363 9.95 28.73 13.23
N GLY B 364 9.02 27.78 13.13
CA GLY B 364 9.29 26.42 13.55
C GLY B 364 9.24 26.20 15.05
N LYS B 365 8.85 27.23 15.80
CA LYS B 365 8.81 27.12 17.26
C LYS B 365 7.47 26.68 17.85
N SER B 366 6.55 26.21 17.04
CA SER B 366 5.27 25.80 17.59
C SER B 366 4.77 24.45 17.15
N ILE B 367 3.89 23.89 17.96
CA ILE B 367 3.25 22.63 17.64
C ILE B 367 1.88 23.13 17.22
N ARG B 368 1.14 23.69 18.17
CA ARG B 368 -0.17 24.27 17.93
C ARG B 368 -0.41 25.51 18.79
N THR B 369 -0.87 26.57 18.14
CA THR B 369 -1.19 27.82 18.81
C THR B 369 -2.71 27.94 18.92
N VAL B 370 -3.21 28.14 20.14
CA VAL B 370 -4.64 28.28 20.34
C VAL B 370 -5.04 29.73 20.43
N VAL B 371 -6.00 30.13 19.61
CA VAL B 371 -6.48 31.50 19.59
C VAL B 371 -7.81 31.63 20.31
N LYS B 372 -7.82 32.48 21.33
CA LYS B 372 -9.03 32.71 22.09
C LYS B 372 -9.87 33.78 21.37
N ILE B 373 -11.05 33.39 20.93
CA ILE B 373 -11.93 34.32 20.23
C ILE B 373 -12.36 35.47 21.15
ZN ZN C . 13.61 -19.18 6.22
ZN ZN D . 7.54 -19.23 -14.57
K K E . -8.96 -7.38 2.27
P PO4 F . -4.20 -4.58 5.09
O1 PO4 F . -4.75 -4.12 3.78
O2 PO4 F . -5.09 -4.11 6.18
O3 PO4 F . -4.12 -6.06 5.11
O4 PO4 F . -2.85 -4.00 5.28
P PO4 G . 5.72 -42.22 2.11
O1 PO4 G . 6.62 -43.36 1.72
O2 PO4 G . 6.34 -41.46 3.23
O3 PO4 G . 5.53 -41.34 0.95
O4 PO4 G . 4.40 -42.76 2.55
PA NAD H . 2.83 -13.16 -19.89
O1A NAD H . 3.73 -12.47 -20.84
O2A NAD H . 2.45 -14.47 -20.46
O5B NAD H . 1.54 -12.32 -19.63
C5B NAD H . 1.65 -10.88 -19.79
C4B NAD H . 0.34 -10.43 -20.45
O4B NAD H . 0.24 -9.01 -20.30
C3B NAD H . 0.30 -10.84 -21.94
O3B NAD H . -1.02 -11.28 -22.26
C2B NAD H . 0.54 -9.43 -22.51
O2B NAD H . -0.05 -9.31 -23.81
C1B NAD H . -0.24 -8.54 -21.52
N9A NAD H . 0.14 -7.16 -21.68
C8A NAD H . 1.36 -6.64 -22.08
N7A NAD H . 1.35 -5.24 -22.10
C5A NAD H . 0.07 -4.94 -21.69
C6A NAD H . -0.52 -3.70 -21.49
N6A NAD H . 0.12 -2.54 -21.72
N1A NAD H . -1.83 -3.68 -21.05
C2A NAD H . -2.53 -4.86 -20.80
N3A NAD H . -1.95 -6.11 -20.99
C4A NAD H . -0.63 -6.07 -21.44
O3 NAD H . 3.56 -13.32 -18.49
PN NAD H . 3.06 -14.17 -17.21
O1N NAD H . 3.64 -15.52 -17.26
O2N NAD H . 1.58 -14.21 -17.12
O5D NAD H . 3.64 -13.36 -15.97
C5D NAD H . 3.18 -11.98 -15.81
C4D NAD H . 4.05 -11.15 -14.87
O4D NAD H . 4.15 -11.81 -13.59
C3D NAD H . 5.49 -11.02 -15.43
O3D NAD H . 5.98 -9.72 -15.11
C2D NAD H . 6.17 -12.07 -14.53
O2D NAD H . 7.57 -11.77 -14.45
C1D NAD H . 5.50 -11.79 -13.18
N1N NAD H . 5.66 -12.83 -12.16
C2N NAD H . 5.71 -12.46 -10.88
C3N NAD H . 5.83 -13.39 -9.93
C7N NAD H . 5.87 -13.05 -8.62
O7N NAD H . 6.18 -13.88 -7.74
N7N NAD H . 5.56 -11.82 -8.19
C4N NAD H . 5.91 -14.70 -10.28
C5N NAD H . 5.86 -15.11 -11.55
C6N NAD H . 5.73 -14.10 -12.51
ZN ZN I . -21.70 10.65 3.77
ZN ZN J . -5.10 21.61 10.92
K K K . -1.72 -4.12 11.20
P PO4 L . -27.67 17.73 26.79
O1 PO4 L . -28.08 19.16 26.67
O2 PO4 L . -28.86 16.86 26.69
O3 PO4 L . -26.71 17.40 25.71
O4 PO4 L . -27.01 17.53 28.12
PA NAD M . 4.53 20.76 11.20
O1A NAD M . 5.20 21.59 10.17
O2A NAD M . 4.29 21.48 12.46
O5B NAD M . 5.48 19.57 11.48
C5B NAD M . 6.29 19.20 10.33
C4B NAD M . 7.61 18.76 10.95
O4B NAD M . 8.36 18.10 9.94
C3B NAD M . 8.40 19.96 11.51
O3B NAD M . 8.89 19.65 12.82
C2B NAD M . 9.57 19.96 10.52
O2B NAD M . 10.77 20.36 11.21
C1B NAD M . 9.69 18.49 10.14
N9A NAD M . 10.39 18.31 8.89
C8A NAD M . 10.43 19.12 7.75
N7A NAD M . 11.26 18.62 6.77
C5A NAD M . 11.76 17.45 7.33
C6A NAD M . 12.60 16.50 6.78
N6A NAD M . 13.18 16.65 5.57
N1A NAD M . 12.90 15.37 7.54
C2A NAD M . 12.35 15.22 8.82
N3A NAD M . 11.50 16.17 9.37
C4A NAD M . 11.25 17.27 8.58
O3 NAD M . 3.18 20.16 10.49
PN NAD M . 2.01 19.38 11.13
O1N NAD M . 0.99 20.27 11.74
O2N NAD M . 2.54 18.43 12.14
O5D NAD M . 1.39 18.65 9.87
C5D NAD M . 2.28 17.76 9.14
C4D NAD M . 1.68 17.29 7.82
O4D NAD M . 0.41 16.69 8.04
C3D NAD M . 1.46 18.49 6.88
O3D NAD M . 1.79 18.10 5.54
C2D NAD M . -0.07 18.62 7.01
O2D NAD M . -0.60 19.26 5.84
C1D NAD M . -0.52 17.14 7.05
N1N NAD M . -1.90 16.86 7.57
C2N NAD M . -2.58 15.85 7.06
C3N NAD M . -3.83 15.54 7.48
C7N NAD M . -4.48 14.47 6.93
O7N NAD M . -5.70 14.28 7.06
N7N NAD M . -3.82 13.55 6.22
C4N NAD M . -4.41 16.27 8.45
C5N NAD M . -3.77 17.31 9.00
C6N NAD M . -2.47 17.59 8.54
#